data_8D4Z
#
_entry.id   8D4Z
#
_cell.length_a   70.235
_cell.length_b   65.506
_cell.length_c   85.086
_cell.angle_alpha   90.000
_cell.angle_beta   94.700
_cell.angle_gamma   90.000
#
_symmetry.space_group_name_H-M   'P 1 21 1'
#
loop_
_entity.id
_entity.type
_entity.pdbx_description
1 polymer 'Ubiquitin carboxyl-terminal hydrolase 7'
2 non-polymer 1-({(7M)-7-[1-(azetidin-3-yl)-6-chloro-1,2,3,4-tetrahydroquinolin-8-yl]thieno[3,2-b]pyridin-2-yl}methyl)pyrrolidine-2,5-dione
3 non-polymer GLYCEROL
4 water water
#
_entity_poly.entity_id   1
_entity_poly.type   'polypeptide(L)'
_entity_poly.pdbx_seq_one_letter_code
;MSKKHTGYVGLKNQGATCYMNSLLQTLFFTNQLRKAVYMMPTEGDDSSKSVPLALQRVFYELQHSDKPVGTKKLTKSFGW
ETLDSFMQHDVQELCRVLLDNVENKMKGTCVEGTIPKLFRGKMVSYIQCKEVDYRSDRREDYYDIQLSIKGKKNIFESFV
DYVAVEQLDGDNKYDAGEHGLQEAEKGVKFLTLPPVLHLQLMRFMYDPQTDQNIKINDRFEFPEQLPLDEFLQKTDPKDP
ANYILHAVLVHSGDNHGGHYVVYLNPKGDGKWCKFDDDVVSRCTKEEAIEHNYGGHDDDLSVRHCTNAYMLVYIRESKLS
EVLQAVTDHDIPQQLVERLQEEKRIEAQKRKERQEHHHHHH
;
_entity_poly.pdbx_strand_id   A,B
#
# COMPACT_ATOMS: atom_id res chain seq x y z
N LYS A 4 -19.62 -9.04 -5.11
CA LYS A 4 -18.50 -8.19 -4.65
C LYS A 4 -18.96 -6.81 -4.20
N HIS A 5 -20.17 -6.67 -3.63
CA HIS A 5 -20.66 -5.34 -3.22
C HIS A 5 -20.15 -4.81 -1.88
N THR A 6 -19.56 -5.71 -1.09
CA THR A 6 -18.68 -5.35 0.03
C THR A 6 -17.32 -4.77 -0.41
N GLY A 7 -16.98 -4.96 -1.68
CA GLY A 7 -15.64 -4.70 -2.15
C GLY A 7 -14.71 -5.90 -2.08
N TYR A 8 -15.18 -7.02 -1.51
CA TYR A 8 -14.31 -8.17 -1.27
C TYR A 8 -14.89 -9.37 -1.98
N VAL A 9 -14.02 -10.27 -2.46
CA VAL A 9 -14.49 -11.45 -3.16
C VAL A 9 -14.27 -12.71 -2.30
N GLY A 10 -15.07 -13.75 -2.56
CA GLY A 10 -15.02 -14.97 -1.78
C GLY A 10 -14.20 -16.06 -2.44
N LEU A 11 -14.01 -17.14 -1.70
CA LEU A 11 -13.35 -18.33 -2.24
C LEU A 11 -14.41 -19.37 -2.56
N LYS A 12 -14.13 -20.26 -3.53
CA LYS A 12 -15.03 -21.37 -3.84
C LYS A 12 -15.28 -22.29 -2.65
N ASN A 13 -16.47 -22.89 -2.61
CA ASN A 13 -16.96 -23.70 -1.49
C ASN A 13 -15.92 -24.61 -0.88
N GLN A 14 -15.82 -24.51 0.45
CA GLN A 14 -14.80 -25.20 1.24
C GLN A 14 -14.65 -26.68 0.94
N GLY A 15 -15.76 -27.36 0.69
CA GLY A 15 -15.81 -28.82 0.62
C GLY A 15 -14.98 -29.54 1.67
N ALA A 16 -14.03 -30.33 1.17
CA ALA A 16 -13.09 -31.01 2.05
C ALA A 16 -12.03 -30.11 2.68
N THR A 17 -11.85 -28.90 2.18
CA THR A 17 -10.73 -28.09 2.63
C THR A 17 -10.97 -27.39 3.98
N CYS A 18 -12.19 -27.46 4.52
CA CYS A 18 -12.39 -27.12 5.92
C CYS A 18 -12.13 -25.63 6.22
N TYR A 19 -11.17 -25.38 7.10
CA TYR A 19 -10.81 -24.07 7.59
C TYR A 19 -9.82 -23.33 6.68
N MET A 20 -9.41 -23.92 5.56
CA MET A 20 -8.44 -23.26 4.69
C MET A 20 -8.88 -21.89 4.18
N ASN A 21 -10.09 -21.82 3.63
CA ASN A 21 -10.65 -20.55 3.14
C ASN A 21 -10.64 -19.44 4.17
N SER A 22 -11.00 -19.80 5.39
CA SER A 22 -10.92 -18.91 6.52
C SER A 22 -9.53 -18.33 6.75
N LEU A 23 -8.52 -19.20 6.65
CA LEU A 23 -7.14 -18.78 6.85
C LEU A 23 -6.62 -17.94 5.69
N LEU A 24 -7.03 -18.27 4.46
CA LEU A 24 -6.58 -17.54 3.30
C LEU A 24 -7.05 -16.09 3.27
N GLN A 25 -8.30 -15.84 3.67
CA GLN A 25 -8.82 -14.47 3.77
C GLN A 25 -8.11 -13.69 4.88
N THR A 26 -7.83 -14.37 5.99
CA THR A 26 -7.07 -13.84 7.11
C THR A 26 -5.65 -13.39 6.72
N LEU A 27 -4.94 -14.27 6.00
CA LEU A 27 -3.63 -13.94 5.51
C LEU A 27 -3.66 -12.91 4.38
N PHE A 28 -4.67 -13.01 3.51
CA PHE A 28 -4.82 -12.04 2.44
C PHE A 28 -5.00 -10.63 2.94
N PHE A 29 -5.76 -10.49 4.02
CA PHE A 29 -5.97 -9.16 4.58
C PHE A 29 -4.92 -8.80 5.61
N THR A 30 -3.84 -9.58 5.72
CA THR A 30 -2.66 -9.14 6.44
C THR A 30 -1.83 -8.43 5.37
N ASN A 31 -2.21 -7.20 5.08
CA ASN A 31 -1.78 -6.52 3.86
C ASN A 31 -0.30 -6.48 3.61
N GLN A 32 0.46 -6.25 4.69
CA GLN A 32 1.91 -6.26 4.59
C GLN A 32 2.49 -7.61 4.17
N LEU A 33 1.87 -8.70 4.64
CA LEU A 33 2.20 -10.04 4.20
C LEU A 33 1.89 -10.22 2.73
N ARG A 34 0.69 -9.80 2.32
CA ARG A 34 0.27 -9.94 0.92
C ARG A 34 1.23 -9.25 -0.05
N LYS A 35 1.62 -8.04 0.30
CA LYS A 35 2.58 -7.25 -0.45
C LYS A 35 3.93 -7.95 -0.57
N ALA A 36 4.38 -8.53 0.52
CA ALA A 36 5.61 -9.28 0.48
C ALA A 36 5.50 -10.57 -0.35
N VAL A 37 4.37 -11.27 -0.24
CA VAL A 37 4.10 -12.44 -1.08
C VAL A 37 4.15 -12.11 -2.58
N TYR A 38 3.62 -10.96 -2.97
CA TYR A 38 3.73 -10.54 -4.36
C TYR A 38 5.13 -10.22 -4.83
N MET A 39 6.00 -9.83 -3.91
CA MET A 39 7.40 -9.55 -4.22
C MET A 39 8.28 -10.78 -4.29
N MET A 40 7.72 -11.96 -4.02
CA MET A 40 8.52 -13.17 -4.06
C MET A 40 8.92 -13.53 -5.50
N PRO A 41 10.18 -13.93 -5.74
CA PRO A 41 10.67 -14.23 -7.07
C PRO A 41 10.29 -15.63 -7.51
N THR A 42 9.09 -15.80 -8.02
CA THR A 42 8.62 -17.14 -8.39
C THR A 42 8.84 -17.46 -9.87
N GLU A 43 9.50 -16.57 -10.62
CA GLU A 43 9.66 -16.65 -12.07
C GLU A 43 9.97 -18.02 -12.67
N GLY A 44 10.75 -18.82 -11.95
CA GLY A 44 11.13 -20.12 -12.45
C GLY A 44 10.36 -21.30 -11.89
N ASP A 45 9.31 -21.03 -11.11
CA ASP A 45 8.65 -22.10 -10.34
C ASP A 45 7.61 -22.83 -11.18
N ASP A 46 7.18 -23.99 -10.70
CA ASP A 46 6.17 -24.77 -11.42
C ASP A 46 4.77 -24.29 -11.04
N SER A 47 3.93 -24.15 -12.05
CA SER A 47 2.56 -23.63 -11.96
C SER A 47 1.55 -24.48 -11.18
N SER A 48 2.01 -25.56 -10.55
CA SER A 48 1.17 -26.46 -9.78
C SER A 48 1.80 -27.01 -8.50
N LYS A 49 3.13 -27.00 -8.43
CA LYS A 49 3.83 -27.63 -7.32
C LYS A 49 4.52 -26.61 -6.42
N SER A 50 4.64 -25.37 -6.89
CA SER A 50 5.14 -24.32 -6.01
C SER A 50 3.99 -23.73 -5.22
N VAL A 51 4.09 -23.93 -3.90
CA VAL A 51 3.20 -23.29 -2.95
C VAL A 51 3.31 -21.77 -2.98
N PRO A 52 4.51 -21.15 -2.98
CA PRO A 52 4.64 -19.72 -3.16
C PRO A 52 3.88 -19.14 -4.34
N LEU A 53 3.96 -19.81 -5.49
CA LEU A 53 3.27 -19.33 -6.66
C LEU A 53 1.76 -19.52 -6.56
N ALA A 54 1.33 -20.64 -5.99
CA ALA A 54 -0.10 -20.87 -5.85
C ALA A 54 -0.75 -19.90 -4.86
N LEU A 55 -0.01 -19.53 -3.82
CA LEU A 55 -0.45 -18.52 -2.89
C LEU A 55 -0.46 -17.12 -3.52
N GLN A 56 0.61 -16.78 -4.25
CA GLN A 56 0.57 -15.60 -5.13
C GLN A 56 -0.64 -15.51 -6.03
N ARG A 57 -1.01 -16.64 -6.62
CA ARG A 57 -2.15 -16.67 -7.53
C ARG A 57 -3.49 -16.49 -6.81
N VAL A 58 -3.68 -17.15 -5.68
CA VAL A 58 -4.87 -16.94 -4.86
C VAL A 58 -5.02 -15.49 -4.39
N PHE A 59 -3.93 -14.95 -3.85
CA PHE A 59 -3.93 -13.53 -3.46
C PHE A 59 -4.20 -12.59 -4.62
N TYR A 60 -3.59 -12.87 -5.76
CA TYR A 60 -3.86 -12.09 -6.98
C TYR A 60 -5.34 -12.11 -7.40
N GLU A 61 -5.93 -13.31 -7.33
CA GLU A 61 -7.32 -13.47 -7.69
C GLU A 61 -8.26 -12.88 -6.65
N LEU A 62 -7.92 -13.01 -5.37
CA LEU A 62 -8.67 -12.33 -4.33
C LEU A 62 -8.65 -10.82 -4.46
N GLN A 63 -7.55 -10.31 -4.99
CA GLN A 63 -7.47 -8.88 -5.26
C GLN A 63 -8.15 -8.43 -6.56
N HIS A 64 -8.22 -9.29 -7.58
CA HIS A 64 -8.74 -8.85 -8.88
C HIS A 64 -10.06 -9.45 -9.30
N SER A 65 -10.36 -10.68 -8.89
CA SER A 65 -11.51 -11.38 -9.42
C SER A 65 -12.81 -10.81 -8.89
N ASP A 66 -13.82 -10.77 -9.75
CA ASP A 66 -15.19 -10.52 -9.27
C ASP A 66 -15.95 -11.82 -9.03
N LYS A 67 -15.41 -12.95 -9.49
CA LYS A 67 -16.01 -14.25 -9.25
C LYS A 67 -15.29 -14.94 -8.09
N PRO A 68 -15.93 -15.85 -7.34
CA PRO A 68 -15.25 -16.68 -6.36
C PRO A 68 -13.99 -17.41 -6.83
N VAL A 69 -13.02 -17.41 -5.93
CA VAL A 69 -11.67 -17.77 -6.28
C VAL A 69 -11.44 -19.21 -5.85
N GLY A 70 -10.80 -19.95 -6.73
CA GLY A 70 -10.57 -21.34 -6.43
C GLY A 70 -9.18 -21.58 -5.86
N THR A 71 -9.09 -22.71 -5.22
CA THR A 71 -7.95 -23.05 -4.41
C THR A 71 -7.36 -24.40 -4.83
N LYS A 72 -7.78 -24.94 -5.98
CA LYS A 72 -7.42 -26.32 -6.33
C LYS A 72 -5.92 -26.52 -6.47
N LYS A 73 -5.28 -25.61 -7.21
CA LYS A 73 -3.83 -25.62 -7.38
C LYS A 73 -3.06 -25.41 -6.09
N LEU A 74 -3.65 -24.67 -5.16
CA LEU A 74 -3.04 -24.43 -3.87
C LEU A 74 -3.06 -25.69 -3.02
N THR A 75 -4.21 -26.32 -2.88
CA THR A 75 -4.31 -27.61 -2.19
C THR A 75 -3.41 -28.70 -2.75
N LYS A 76 -3.41 -28.77 -4.07
CA LYS A 76 -2.49 -29.61 -4.84
C LYS A 76 -1.03 -29.34 -4.48
N SER A 77 -0.63 -28.07 -4.55
CA SER A 77 0.74 -27.67 -4.26
C SER A 77 1.35 -28.15 -2.93
N PHE A 78 0.57 -28.18 -1.83
CA PHE A 78 1.13 -28.67 -0.56
C PHE A 78 0.65 -30.04 -0.16
N GLY A 79 -0.24 -30.65 -0.94
CA GLY A 79 -0.45 -32.08 -0.79
C GLY A 79 -1.55 -32.48 0.16
N TRP A 80 -2.44 -31.53 0.48
CA TRP A 80 -3.56 -31.80 1.37
C TRP A 80 -4.80 -31.75 0.52
N GLU A 81 -5.24 -32.91 0.07
CA GLU A 81 -6.28 -33.00 -0.94
C GLU A 81 -7.44 -33.87 -0.50
N THR A 82 -7.55 -34.08 0.80
CA THR A 82 -8.54 -34.96 1.40
C THR A 82 -9.12 -34.30 2.64
N LEU A 83 -10.37 -34.65 2.96
CA LEU A 83 -10.95 -34.21 4.23
C LEU A 83 -10.15 -34.68 5.44
N ASP A 84 -9.51 -35.83 5.29
CA ASP A 84 -8.65 -36.36 6.32
C ASP A 84 -7.42 -35.50 6.60
N SER A 85 -6.74 -35.08 5.55
CA SER A 85 -5.58 -34.20 5.72
C SER A 85 -5.86 -32.89 6.45
N PHE A 86 -7.03 -32.31 6.18
CA PHE A 86 -7.45 -31.15 6.94
C PHE A 86 -7.94 -31.50 8.34
N MET A 87 -8.67 -32.59 8.48
CA MET A 87 -9.24 -32.95 9.78
C MET A 87 -8.22 -33.30 10.84
N GLN A 88 -7.15 -33.96 10.41
CA GLN A 88 -6.11 -34.39 11.36
C GLN A 88 -5.15 -33.29 11.77
N HIS A 89 -5.17 -32.17 11.06
CA HIS A 89 -4.33 -31.04 11.42
C HIS A 89 -5.18 -29.91 11.96
N ASP A 90 -4.54 -29.01 12.68
CA ASP A 90 -5.15 -27.76 13.11
C ASP A 90 -4.68 -26.59 12.23
N VAL A 91 -5.37 -25.45 12.36
CA VAL A 91 -5.19 -24.27 11.52
C VAL A 91 -3.79 -23.66 11.58
N GLN A 92 -3.16 -23.68 12.76
CA GLN A 92 -1.81 -23.16 12.88
C GLN A 92 -0.77 -24.01 12.18
N GLU A 93 -1.03 -25.29 12.02
CA GLU A 93 -0.14 -26.16 11.25
C GLU A 93 -0.25 -25.86 9.76
N LEU A 94 -1.47 -25.59 9.30
CA LEU A 94 -1.63 -25.13 7.91
C LEU A 94 -0.96 -23.79 7.68
N CYS A 95 -1.13 -22.89 8.64
CA CYS A 95 -0.45 -21.61 8.60
C CYS A 95 1.08 -21.72 8.58
N ARG A 96 1.65 -22.60 9.41
CA ARG A 96 3.11 -22.82 9.35
C ARG A 96 3.57 -23.40 8.03
N VAL A 97 2.81 -24.34 7.47
CA VAL A 97 3.07 -24.83 6.12
C VAL A 97 3.19 -23.71 5.08
N LEU A 98 2.16 -22.87 5.03
CA LEU A 98 2.13 -21.79 4.05
C LEU A 98 3.23 -20.74 4.32
N LEU A 99 3.35 -20.34 5.58
CA LEU A 99 4.25 -19.26 5.89
C LEU A 99 5.71 -19.66 5.85
N ASP A 100 6.04 -20.90 6.22
CA ASP A 100 7.42 -21.35 6.03
C ASP A 100 7.81 -21.54 4.58
N ASN A 101 6.87 -21.98 3.74
CA ASN A 101 7.13 -22.00 2.30
C ASN A 101 7.41 -20.64 1.69
N VAL A 102 6.59 -19.68 2.10
CA VAL A 102 6.75 -18.30 1.72
C VAL A 102 8.03 -17.66 2.27
N GLU A 103 8.37 -17.92 3.54
CA GLU A 103 9.56 -17.28 4.09
C GLU A 103 10.84 -17.85 3.50
N ASN A 104 10.83 -19.13 3.17
CA ASN A 104 11.95 -19.73 2.43
C ASN A 104 12.20 -19.06 1.09
N LYS A 105 11.14 -18.89 0.33
CA LYS A 105 11.23 -18.22 -0.96
C LYS A 105 11.67 -16.75 -0.89
N MET A 106 11.45 -16.12 0.25
CA MET A 106 11.85 -14.73 0.42
C MET A 106 13.31 -14.62 0.86
N LYS A 107 13.99 -15.73 1.14
CA LYS A 107 15.39 -15.69 1.53
C LYS A 107 16.25 -15.14 0.40
N GLY A 108 16.97 -14.07 0.70
CA GLY A 108 17.84 -13.50 -0.31
C GLY A 108 17.21 -12.38 -1.10
N THR A 109 16.02 -11.96 -0.69
CA THR A 109 15.26 -10.97 -1.41
C THR A 109 15.09 -9.73 -0.54
N CYS A 110 14.49 -8.70 -1.13
CA CYS A 110 14.13 -7.49 -0.40
C CYS A 110 13.06 -7.70 0.69
N VAL A 111 12.40 -8.85 0.70
CA VAL A 111 11.34 -9.10 1.66
C VAL A 111 11.68 -10.22 2.63
N GLU A 112 12.95 -10.61 2.66
CA GLU A 112 13.43 -11.54 3.68
C GLU A 112 13.11 -11.08 5.10
N GLY A 113 12.62 -11.98 5.92
CA GLY A 113 12.35 -11.62 7.30
C GLY A 113 10.95 -11.11 7.54
N THR A 114 10.14 -10.99 6.48
CA THR A 114 8.74 -10.59 6.59
C THR A 114 7.96 -11.44 7.59
N ILE A 115 8.03 -12.76 7.42
CA ILE A 115 7.29 -13.67 8.27
C ILE A 115 7.61 -13.50 9.76
N PRO A 116 8.86 -13.65 10.22
CA PRO A 116 9.18 -13.35 11.60
C PRO A 116 8.94 -11.91 12.06
N LYS A 117 9.15 -10.93 11.17
CA LYS A 117 8.73 -9.56 11.49
C LYS A 117 7.27 -9.48 11.90
N LEU A 118 6.39 -10.09 11.13
CA LEU A 118 4.98 -9.99 11.42
C LEU A 118 4.52 -10.88 12.57
N PHE A 119 5.05 -12.09 12.64
CA PHE A 119 4.34 -13.14 13.40
C PHE A 119 5.13 -13.75 14.53
N ARG A 120 6.41 -13.49 14.62
CA ARG A 120 7.19 -14.19 15.62
C ARG A 120 7.32 -13.35 16.89
N GLY A 121 7.13 -13.99 18.03
CA GLY A 121 7.46 -13.43 19.32
C GLY A 121 8.40 -14.34 20.07
N LYS A 122 8.82 -13.88 21.24
CA LYS A 122 9.82 -14.58 22.03
C LYS A 122 9.29 -14.81 23.44
N MET A 123 9.51 -16.03 23.93
CA MET A 123 9.13 -16.41 25.27
C MET A 123 10.29 -17.09 25.99
N VAL A 124 10.16 -17.19 27.30
CA VAL A 124 11.08 -17.97 28.13
C VAL A 124 10.26 -18.92 28.97
N SER A 125 10.68 -20.17 28.93
CA SER A 125 10.18 -21.18 29.84
C SER A 125 11.24 -21.33 30.91
N TYR A 126 10.84 -21.63 32.14
CA TYR A 126 11.80 -21.91 33.20
C TYR A 126 11.34 -23.07 34.05
N ILE A 127 12.31 -23.74 34.65
CA ILE A 127 12.06 -24.60 35.80
C ILE A 127 13.02 -24.09 36.85
N GLN A 128 12.51 -23.85 38.05
CA GLN A 128 13.33 -23.36 39.15
C GLN A 128 13.21 -24.32 40.30
N CYS A 129 14.30 -24.94 40.72
CA CYS A 129 14.26 -25.71 41.96
C CYS A 129 14.23 -24.79 43.17
N LYS A 130 13.40 -25.13 44.14
CA LYS A 130 13.25 -24.26 45.30
C LYS A 130 14.33 -24.49 46.38
N GLU A 131 14.76 -25.74 46.57
CA GLU A 131 15.65 -26.13 47.67
C GLU A 131 17.11 -26.35 47.25
N VAL A 132 17.37 -26.34 45.94
CA VAL A 132 18.71 -26.50 45.41
C VAL A 132 18.97 -25.37 44.42
N ASP A 133 20.23 -25.00 44.22
CA ASP A 133 20.55 -23.96 43.25
C ASP A 133 20.65 -24.55 41.84
N TYR A 134 19.48 -24.89 41.32
CA TYR A 134 19.32 -25.33 39.94
C TYR A 134 18.13 -24.62 39.32
N ARG A 135 18.37 -24.12 38.11
CA ARG A 135 17.37 -23.51 37.26
C ARG A 135 17.67 -23.97 35.84
N SER A 136 16.63 -24.16 35.07
CA SER A 136 16.74 -24.42 33.64
C SER A 136 15.95 -23.31 32.95
N ASP A 137 16.56 -22.64 31.97
CA ASP A 137 15.83 -21.66 31.16
C ASP A 137 15.92 -22.09 29.72
N ARG A 138 14.82 -21.89 29.00
CA ARG A 138 14.73 -22.14 27.58
C ARG A 138 14.06 -20.96 26.93
N ARG A 139 14.80 -20.24 26.09
CA ARG A 139 14.19 -19.18 25.29
C ARG A 139 13.59 -19.84 24.03
N GLU A 140 12.33 -19.51 23.72
CA GLU A 140 11.68 -20.04 22.53
C GLU A 140 11.17 -18.90 21.68
N ASP A 141 11.23 -19.11 20.38
CA ASP A 141 10.41 -18.34 19.45
C ASP A 141 9.03 -19.02 19.36
N TYR A 142 8.01 -18.23 19.03
CA TYR A 142 6.67 -18.75 18.79
C TYR A 142 6.08 -17.95 17.66
N TYR A 143 5.23 -18.59 16.85
CA TYR A 143 4.50 -17.91 15.79
C TYR A 143 3.00 -17.80 16.04
N ASP A 144 2.53 -18.36 17.15
CA ASP A 144 1.12 -18.56 17.44
C ASP A 144 1.05 -18.97 18.90
N ILE A 145 -0.11 -18.79 19.52
CA ILE A 145 -0.30 -19.16 20.91
C ILE A 145 -1.55 -19.99 20.96
N GLN A 146 -1.50 -21.04 21.76
CA GLN A 146 -2.67 -21.88 22.00
C GLN A 146 -3.12 -21.61 23.43
N LEU A 147 -4.33 -21.09 23.56
CA LEU A 147 -4.83 -20.65 24.85
C LEU A 147 -5.85 -21.66 25.39
N SER A 148 -5.78 -21.92 26.69
CA SER A 148 -6.73 -22.83 27.32
C SER A 148 -7.99 -22.05 27.65
N ILE A 149 -9.14 -22.66 27.37
CA ILE A 149 -10.42 -21.97 27.54
C ILE A 149 -11.32 -22.61 28.58
N LYS A 150 -11.17 -23.93 28.83
CA LYS A 150 -12.06 -24.64 29.73
C LYS A 150 -11.97 -24.06 31.14
N GLY A 151 -13.08 -23.52 31.62
CA GLY A 151 -13.06 -22.88 32.94
C GLY A 151 -12.74 -21.40 32.92
N LYS A 152 -12.34 -20.88 31.77
CA LYS A 152 -11.95 -19.49 31.63
C LYS A 152 -13.12 -18.75 31.03
N LYS A 153 -13.33 -17.53 31.50
CA LYS A 153 -14.40 -16.72 30.95
C LYS A 153 -13.94 -15.87 29.77
N ASN A 154 -12.66 -15.54 29.72
CA ASN A 154 -12.16 -14.61 28.70
C ASN A 154 -10.71 -14.84 28.33
N ILE A 155 -10.27 -14.12 27.29
CA ILE A 155 -8.88 -14.11 26.86
C ILE A 155 -7.91 -13.71 27.96
N PHE A 156 -8.32 -12.75 28.78
CA PHE A 156 -7.50 -12.34 29.91
C PHE A 156 -7.17 -13.50 30.87
N GLU A 157 -8.18 -14.29 31.20
CA GLU A 157 -7.97 -15.40 32.13
C GLU A 157 -7.15 -16.53 31.51
N SER A 158 -7.28 -16.72 30.19
CA SER A 158 -6.39 -17.63 29.47
C SER A 158 -4.94 -17.18 29.51
N PHE A 159 -4.69 -15.88 29.34
CA PHE A 159 -3.34 -15.36 29.47
C PHE A 159 -2.80 -15.51 30.88
N VAL A 160 -3.61 -15.14 31.88
CA VAL A 160 -3.33 -15.45 33.29
C VAL A 160 -2.94 -16.91 33.55
N ASP A 161 -3.72 -17.82 32.97
CA ASP A 161 -3.40 -19.22 33.09
C ASP A 161 -2.14 -19.63 32.36
N TYR A 162 -1.93 -19.08 31.16
CA TYR A 162 -0.76 -19.36 30.36
C TYR A 162 0.55 -19.04 31.05
N VAL A 163 0.58 -17.92 31.76
CA VAL A 163 1.80 -17.52 32.48
C VAL A 163 1.79 -17.97 33.95
N ALA A 164 0.82 -18.78 34.35
CA ALA A 164 0.75 -19.19 35.76
C ALA A 164 1.86 -20.16 36.13
N VAL A 165 2.39 -19.98 37.33
CA VAL A 165 3.49 -20.79 37.82
C VAL A 165 2.96 -22.09 38.41
N GLU A 166 3.48 -23.21 37.93
CA GLU A 166 3.10 -24.54 38.40
C GLU A 166 4.11 -25.06 39.41
N GLN A 167 3.61 -25.70 40.46
CA GLN A 167 4.46 -26.37 41.42
C GLN A 167 4.68 -27.82 41.01
N LEU A 168 5.95 -28.20 40.99
CA LEU A 168 6.38 -29.55 40.68
C LEU A 168 6.77 -30.18 42.02
N ASP A 169 5.80 -30.84 42.63
CA ASP A 169 5.97 -31.44 43.95
C ASP A 169 5.05 -32.64 44.14
N GLY A 170 5.29 -33.40 45.22
CA GLY A 170 4.50 -34.60 45.45
C GLY A 170 4.94 -35.74 44.56
N ASP A 171 4.00 -36.16 43.70
CA ASP A 171 4.27 -37.16 42.68
C ASP A 171 4.88 -36.58 41.41
N ASN A 172 4.79 -35.25 41.27
CA ASN A 172 5.25 -34.53 40.08
C ASN A 172 6.50 -33.73 40.39
N LYS A 173 7.41 -34.35 41.15
CA LYS A 173 8.75 -33.85 41.42
C LYS A 173 9.56 -33.66 40.13
N TYR A 174 10.36 -32.59 40.10
CA TYR A 174 11.25 -32.41 38.97
C TYR A 174 12.52 -33.24 39.15
N ASP A 175 12.95 -33.91 38.09
CA ASP A 175 14.20 -34.65 38.09
C ASP A 175 15.30 -33.64 37.80
N ALA A 176 16.05 -33.33 38.84
CA ALA A 176 17.07 -32.29 38.77
C ALA A 176 18.47 -32.90 38.67
N GLY A 177 18.56 -34.08 38.08
CA GLY A 177 19.87 -34.59 37.72
C GLY A 177 20.61 -35.15 38.92
N GLU A 178 21.82 -34.62 39.10
CA GLU A 178 22.59 -34.93 40.30
C GLU A 178 21.96 -34.50 41.61
N HIS A 179 21.06 -33.52 41.59
CA HIS A 179 20.35 -33.14 42.80
C HIS A 179 19.21 -34.09 43.16
N GLY A 180 18.86 -35.03 42.29
CA GLY A 180 17.80 -35.95 42.63
C GLY A 180 16.45 -35.45 42.19
N LEU A 181 15.41 -36.07 42.70
CA LEU A 181 14.09 -35.46 42.59
C LEU A 181 13.95 -34.26 43.52
N GLN A 182 13.51 -33.16 42.96
CA GLN A 182 13.55 -31.87 43.60
C GLN A 182 12.24 -31.16 43.44
N GLU A 183 11.90 -30.37 44.45
CA GLU A 183 10.69 -29.58 44.34
C GLU A 183 10.99 -28.30 43.58
N ALA A 184 10.10 -27.97 42.66
CA ALA A 184 10.41 -26.96 41.67
C ALA A 184 9.17 -26.21 41.28
N GLU A 185 9.40 -25.04 40.69
CA GLU A 185 8.35 -24.28 40.00
C GLU A 185 8.66 -24.23 38.52
N LYS A 186 7.62 -24.22 37.69
CA LYS A 186 7.78 -23.91 36.27
C LYS A 186 6.78 -22.90 35.79
N GLY A 187 7.25 -21.99 34.94
CA GLY A 187 6.39 -20.99 34.32
C GLY A 187 6.83 -20.65 32.92
N VAL A 188 5.97 -19.90 32.25
CA VAL A 188 6.27 -19.28 30.96
C VAL A 188 6.16 -17.79 31.15
N LYS A 189 7.01 -17.03 30.49
CA LYS A 189 6.87 -15.58 30.39
C LYS A 189 7.09 -15.15 28.96
N PHE A 190 6.29 -14.19 28.53
CA PHE A 190 6.46 -13.60 27.21
C PHE A 190 7.50 -12.51 27.33
N LEU A 191 8.41 -12.49 26.36
CA LEU A 191 9.37 -11.42 26.24
C LEU A 191 8.96 -10.44 25.16
N THR A 192 8.45 -10.94 24.04
CA THR A 192 7.86 -10.07 23.02
C THR A 192 6.52 -10.60 22.59
N LEU A 193 5.72 -9.71 22.02
CA LEU A 193 4.50 -10.06 21.34
C LEU A 193 4.66 -9.55 19.91
N PRO A 194 4.27 -10.31 18.88
CA PRO A 194 4.41 -9.90 17.48
C PRO A 194 3.42 -8.80 17.03
N PRO A 195 3.70 -8.08 15.96
CA PRO A 195 2.69 -7.26 15.27
C PRO A 195 1.35 -7.92 14.98
N VAL A 196 1.38 -9.15 14.48
CA VAL A 196 0.17 -9.91 14.19
C VAL A 196 0.16 -11.09 15.15
N LEU A 197 -0.90 -11.19 15.94
CA LEU A 197 -0.95 -12.15 17.02
C LEU A 197 -2.01 -13.20 16.72
N HIS A 198 -1.57 -14.43 16.51
CA HIS A 198 -2.45 -15.54 16.14
C HIS A 198 -2.76 -16.36 17.38
N LEU A 199 -4.02 -16.35 17.81
CA LEU A 199 -4.38 -17.08 19.05
C LEU A 199 -5.35 -18.17 18.65
N GLN A 200 -5.02 -19.41 18.92
CA GLN A 200 -6.00 -20.48 18.74
C GLN A 200 -6.50 -20.84 20.11
N LEU A 201 -7.81 -21.05 20.14
CA LEU A 201 -8.47 -21.38 21.38
C LEU A 201 -8.65 -22.88 21.41
N MET A 202 -8.21 -23.50 22.51
CA MET A 202 -8.25 -24.94 22.69
C MET A 202 -9.66 -25.46 22.93
N ARG A 203 -10.38 -25.62 21.82
CA ARG A 203 -11.75 -26.13 21.81
C ARG A 203 -11.81 -27.64 21.97
N PHE A 204 -10.66 -28.30 21.91
CA PHE A 204 -10.50 -29.71 22.17
C PHE A 204 -9.42 -29.92 23.22
N MET A 205 -9.63 -30.90 24.09
CA MET A 205 -8.56 -31.37 24.97
C MET A 205 -8.78 -32.82 25.36
N TYR A 206 -7.71 -33.55 25.65
CA TYR A 206 -7.86 -34.79 26.43
C TYR A 206 -8.16 -34.43 27.88
N ASP A 207 -9.16 -35.10 28.44
CA ASP A 207 -9.52 -34.90 29.85
C ASP A 207 -9.23 -36.21 30.58
N PRO A 208 -8.45 -36.19 31.67
CA PRO A 208 -8.01 -37.42 32.33
C PRO A 208 -9.05 -38.12 33.18
N GLN A 209 -10.03 -37.36 33.64
CA GLN A 209 -11.07 -37.93 34.50
C GLN A 209 -12.05 -38.76 33.67
N THR A 210 -12.35 -38.27 32.47
CA THR A 210 -13.27 -38.99 31.61
C THR A 210 -12.55 -39.97 30.67
N ASP A 211 -11.30 -39.69 30.32
CA ASP A 211 -10.48 -40.57 29.48
C ASP A 211 -10.83 -40.53 27.99
N GLN A 212 -11.16 -39.33 27.55
CA GLN A 212 -11.57 -39.09 26.18
C GLN A 212 -11.12 -37.70 25.79
N ASN A 213 -11.01 -37.45 24.49
CA ASN A 213 -10.87 -36.08 24.04
C ASN A 213 -12.24 -35.43 23.93
N ILE A 214 -12.37 -34.32 24.63
CA ILE A 214 -13.63 -33.64 24.82
C ILE A 214 -13.62 -32.37 23.98
N LYS A 215 -14.77 -32.02 23.41
CA LYS A 215 -14.91 -30.68 22.87
C LYS A 215 -15.49 -29.79 23.96
N ILE A 216 -14.96 -28.56 24.01
CA ILE A 216 -15.44 -27.54 24.91
C ILE A 216 -16.28 -26.58 24.07
N ASN A 217 -17.55 -26.48 24.40
CA ASN A 217 -18.47 -25.56 23.71
C ASN A 217 -18.89 -24.39 24.60
N ASP A 218 -18.21 -24.24 25.72
CA ASP A 218 -18.42 -23.16 26.68
C ASP A 218 -18.34 -21.76 26.06
N ARG A 219 -18.92 -20.81 26.77
CA ARG A 219 -18.77 -19.42 26.40
C ARG A 219 -17.37 -18.95 26.73
N PHE A 220 -16.81 -18.20 25.80
CA PHE A 220 -15.46 -17.71 25.93
C PHE A 220 -15.42 -16.38 25.24
N GLU A 221 -15.17 -15.33 26.01
CA GLU A 221 -15.33 -13.97 25.55
C GLU A 221 -13.98 -13.36 25.18
N PHE A 222 -13.98 -12.60 24.11
CA PHE A 222 -12.75 -11.99 23.62
C PHE A 222 -13.04 -10.54 23.30
N PRO A 223 -12.17 -9.60 23.66
CA PRO A 223 -12.48 -8.20 23.46
C PRO A 223 -12.09 -7.74 22.07
N GLU A 224 -12.70 -6.66 21.67
CA GLU A 224 -12.25 -5.89 20.53
C GLU A 224 -10.86 -5.29 20.73
N GLN A 225 -10.59 -4.88 21.96
CA GLN A 225 -9.31 -4.30 22.32
C GLN A 225 -8.70 -5.12 23.44
N LEU A 226 -7.50 -5.61 23.21
CA LEU A 226 -6.86 -6.55 24.11
C LEU A 226 -5.56 -5.92 24.60
N PRO A 227 -5.45 -5.53 25.87
CA PRO A 227 -4.20 -5.02 26.43
C PRO A 227 -3.38 -6.16 27.02
N LEU A 228 -2.11 -6.24 26.64
CA LEU A 228 -1.30 -7.40 26.97
C LEU A 228 -0.03 -7.06 27.73
N ASP A 229 0.16 -5.77 28.07
CA ASP A 229 1.30 -5.34 28.90
C ASP A 229 1.52 -6.12 30.18
N GLU A 230 0.44 -6.53 30.85
CA GLU A 230 0.53 -7.39 32.05
C GLU A 230 1.39 -8.63 31.92
N PHE A 231 1.48 -9.14 30.69
CA PHE A 231 2.00 -10.48 30.48
C PHE A 231 3.43 -10.47 29.96
N LEU A 232 3.96 -9.29 29.69
CA LEU A 232 5.34 -9.16 29.24
C LEU A 232 6.24 -9.06 30.45
N GLN A 233 7.45 -9.60 30.30
CA GLN A 233 8.46 -9.50 31.37
C GLN A 233 8.97 -8.06 31.56
N LYS A 234 8.99 -7.27 30.50
CA LYS A 234 9.33 -5.88 30.59
C LYS A 234 8.47 -5.20 29.55
N THR A 235 7.66 -4.25 29.98
CA THR A 235 6.85 -3.50 29.05
C THR A 235 7.68 -2.35 28.48
N ASP A 236 7.23 -1.78 27.38
CA ASP A 236 7.84 -0.59 26.81
C ASP A 236 6.81 0.55 26.97
N PRO A 237 7.18 1.72 27.51
CA PRO A 237 6.25 2.84 27.63
C PRO A 237 5.98 3.58 26.32
N LYS A 238 6.89 3.38 25.37
CA LYS A 238 6.78 3.98 24.05
C LYS A 238 5.90 3.16 23.11
N ASP A 239 5.61 1.92 23.51
CA ASP A 239 4.90 0.96 22.68
C ASP A 239 4.21 -0.05 23.58
N PRO A 240 3.04 0.25 24.15
CA PRO A 240 2.30 -0.73 24.92
C PRO A 240 1.73 -1.81 24.01
N ALA A 241 1.59 -2.99 24.58
CA ALA A 241 1.11 -4.14 23.86
C ALA A 241 -0.42 -4.13 23.80
N ASN A 242 -0.96 -3.15 23.09
CA ASN A 242 -2.40 -3.05 22.91
C ASN A 242 -2.76 -3.56 21.54
N TYR A 243 -3.78 -4.38 21.52
CA TYR A 243 -4.08 -5.19 20.35
C TYR A 243 -5.51 -4.96 19.94
N ILE A 244 -5.73 -4.91 18.63
CA ILE A 244 -7.03 -4.73 18.01
C ILE A 244 -7.41 -6.02 17.32
N LEU A 245 -8.63 -6.49 17.59
CA LEU A 245 -9.14 -7.69 16.96
C LEU A 245 -9.31 -7.47 15.47
N HIS A 246 -8.72 -8.37 14.70
CA HIS A 246 -8.79 -8.30 13.24
C HIS A 246 -9.68 -9.38 12.66
N ALA A 247 -9.57 -10.61 13.19
CA ALA A 247 -10.24 -11.77 12.60
C ALA A 247 -10.74 -12.75 13.65
N VAL A 248 -11.84 -13.44 13.32
CA VAL A 248 -12.45 -14.45 14.19
C VAL A 248 -12.78 -15.65 13.31
N LEU A 249 -12.10 -16.77 13.52
CA LEU A 249 -12.39 -17.95 12.70
C LEU A 249 -13.33 -18.85 13.48
N VAL A 250 -14.43 -19.25 12.83
CA VAL A 250 -15.52 -19.88 13.54
C VAL A 250 -15.89 -21.19 12.86
N HIS A 251 -16.27 -22.14 13.69
CA HIS A 251 -16.80 -23.42 13.25
C HIS A 251 -18.21 -23.55 13.80
N SER A 252 -19.11 -24.07 12.97
CA SER A 252 -20.47 -24.41 13.38
C SER A 252 -20.70 -25.90 13.15
N GLY A 253 -21.10 -26.62 14.18
CA GLY A 253 -21.73 -27.92 13.96
C GLY A 253 -20.92 -29.14 14.34
N ASP A 254 -20.89 -30.09 13.41
CA ASP A 254 -20.43 -31.45 13.67
C ASP A 254 -18.93 -31.54 13.74
N ASN A 255 -18.44 -32.39 14.62
CA ASN A 255 -16.99 -32.53 14.77
C ASN A 255 -16.34 -33.42 13.73
N HIS A 256 -17.11 -33.87 12.75
CA HIS A 256 -16.60 -34.67 11.66
C HIS A 256 -16.75 -33.94 10.32
N GLY A 257 -17.47 -32.83 10.35
CA GLY A 257 -17.57 -31.98 9.21
C GLY A 257 -17.85 -30.61 9.76
N GLY A 258 -19.09 -30.19 9.59
CA GLY A 258 -19.48 -28.89 10.09
C GLY A 258 -19.25 -27.83 9.05
N HIS A 259 -19.20 -26.59 9.49
CA HIS A 259 -19.05 -25.48 8.56
C HIS A 259 -18.11 -24.43 9.15
N TYR A 260 -17.25 -23.89 8.29
CA TYR A 260 -16.27 -22.89 8.73
C TYR A 260 -16.56 -21.55 8.09
N VAL A 261 -16.53 -20.49 8.87
CA VAL A 261 -16.57 -19.12 8.34
C VAL A 261 -15.51 -18.28 9.04
N VAL A 262 -15.18 -17.13 8.46
CA VAL A 262 -14.32 -16.16 9.15
C VAL A 262 -14.98 -14.80 9.11
N TYR A 263 -14.87 -14.08 10.21
CA TYR A 263 -15.29 -12.70 10.27
C TYR A 263 -14.04 -11.86 10.29
N LEU A 264 -14.04 -10.81 9.48
CA LEU A 264 -12.88 -9.91 9.35
C LEU A 264 -13.34 -8.47 9.40
N ASN A 265 -12.54 -7.60 10.01
CA ASN A 265 -12.65 -6.16 9.70
C ASN A 265 -11.37 -5.74 8.99
N PRO A 266 -11.23 -5.95 7.66
CA PRO A 266 -9.95 -5.84 6.97
C PRO A 266 -9.10 -4.60 7.25
N LYS A 267 -9.76 -3.44 7.34
CA LYS A 267 -9.02 -2.18 7.53
C LYS A 267 -8.71 -1.88 8.99
N GLY A 268 -9.20 -2.68 9.92
CA GLY A 268 -8.85 -2.48 11.32
C GLY A 268 -9.73 -1.44 12.01
N ASP A 269 -10.83 -1.12 11.34
CA ASP A 269 -11.67 0.03 11.63
C ASP A 269 -13.02 -0.32 12.27
N GLY A 270 -13.25 -1.59 12.57
CA GLY A 270 -14.50 -1.95 13.24
C GLY A 270 -15.71 -2.13 12.32
N LYS A 271 -15.50 -2.11 11.01
CA LYS A 271 -16.52 -2.43 10.03
C LYS A 271 -16.27 -3.84 9.48
N TRP A 272 -17.12 -4.76 9.89
CA TRP A 272 -16.87 -6.18 9.70
C TRP A 272 -17.61 -6.77 8.50
N CYS A 273 -17.02 -7.81 7.93
CA CYS A 273 -17.74 -8.72 7.04
C CYS A 273 -17.61 -10.16 7.50
N LYS A 274 -18.64 -10.93 7.17
CA LYS A 274 -18.63 -12.38 7.29
C LYS A 274 -18.22 -12.95 5.93
N PHE A 275 -17.19 -13.78 5.93
CA PHE A 275 -16.72 -14.48 4.75
C PHE A 275 -17.12 -15.94 4.87
N ASP A 276 -18.14 -16.29 4.10
CA ASP A 276 -18.75 -17.61 4.10
C ASP A 276 -18.48 -18.19 2.73
N ASP A 277 -17.21 -18.53 2.48
CA ASP A 277 -16.77 -19.03 1.18
C ASP A 277 -17.03 -17.97 0.11
N ASP A 278 -17.92 -18.29 -0.81
CA ASP A 278 -18.23 -17.45 -1.95
C ASP A 278 -19.10 -16.24 -1.63
N VAL A 279 -19.66 -16.18 -0.43
CA VAL A 279 -20.50 -15.07 -0.03
C VAL A 279 -19.81 -14.29 1.07
N VAL A 280 -19.54 -13.03 0.72
CA VAL A 280 -19.02 -12.07 1.65
C VAL A 280 -20.17 -11.11 1.87
N SER A 281 -20.42 -10.79 3.12
CA SER A 281 -21.52 -9.89 3.45
C SER A 281 -21.14 -9.00 4.61
N ARG A 282 -21.58 -7.74 4.57
CA ARG A 282 -21.46 -6.90 5.76
C ARG A 282 -22.22 -7.47 6.96
N CYS A 283 -21.65 -7.29 8.14
CA CYS A 283 -22.26 -7.82 9.35
C CYS A 283 -22.08 -6.81 10.46
N THR A 284 -22.85 -6.99 11.51
CA THR A 284 -22.61 -6.18 12.70
C THR A 284 -21.36 -6.64 13.42
N LYS A 285 -20.83 -5.75 14.22
CA LYS A 285 -19.77 -6.07 15.14
C LYS A 285 -20.17 -7.14 16.15
N GLU A 286 -21.45 -7.13 16.49
CA GLU A 286 -22.01 -8.06 17.44
C GLU A 286 -22.04 -9.47 16.88
N GLU A 287 -22.38 -9.60 15.58
CA GLU A 287 -22.27 -10.88 14.89
C GLU A 287 -20.84 -11.40 14.81
N ALA A 288 -19.90 -10.49 14.57
CA ALA A 288 -18.52 -10.91 14.48
C ALA A 288 -17.93 -11.34 15.81
N ILE A 289 -18.27 -10.61 16.87
CA ILE A 289 -17.62 -10.77 18.17
C ILE A 289 -18.56 -11.52 19.13
N GLU A 290 -19.48 -10.82 19.81
CA GLU A 290 -20.38 -11.43 20.81
C GLU A 290 -21.12 -12.70 20.41
N HIS A 291 -21.66 -12.73 19.20
CA HIS A 291 -22.40 -13.92 18.76
C HIS A 291 -21.51 -15.12 18.43
N ASN A 292 -20.19 -14.97 18.53
CA ASN A 292 -19.22 -16.06 18.38
C ASN A 292 -18.55 -16.44 19.70
N TYR A 293 -19.03 -15.83 20.79
CA TYR A 293 -18.56 -16.19 22.12
C TYR A 293 -18.93 -17.60 22.54
N GLY A 294 -20.07 -18.07 22.07
CA GLY A 294 -20.46 -19.44 22.38
C GLY A 294 -21.35 -19.51 23.61
N GLY A 295 -21.81 -20.72 23.89
CA GLY A 295 -22.37 -21.02 25.21
C GLY A 295 -23.89 -20.88 25.20
N CYS A 305 -23.11 -24.27 19.74
CA CYS A 305 -22.59 -25.03 18.58
C CYS A 305 -21.79 -24.20 17.59
N THR A 306 -21.75 -22.88 17.77
CA THR A 306 -20.98 -21.97 16.92
C THR A 306 -19.82 -21.44 17.77
N ASN A 307 -18.63 -21.89 17.45
CA ASN A 307 -17.46 -21.65 18.28
C ASN A 307 -16.39 -20.92 17.51
N ALA A 308 -15.95 -19.77 18.03
CA ALA A 308 -14.65 -19.26 17.65
C ALA A 308 -13.54 -20.21 18.11
N TYR A 309 -12.63 -20.49 17.19
CA TYR A 309 -11.45 -21.31 17.53
C TYR A 309 -10.13 -20.59 17.25
N MET A 310 -10.17 -19.48 16.52
CA MET A 310 -8.96 -18.72 16.22
C MET A 310 -9.32 -17.25 16.18
N LEU A 311 -8.47 -16.46 16.83
CA LEU A 311 -8.56 -15.02 16.81
C LEU A 311 -7.24 -14.47 16.27
N VAL A 312 -7.36 -13.43 15.46
CA VAL A 312 -6.21 -12.65 15.05
C VAL A 312 -6.34 -11.26 15.62
N TYR A 313 -5.29 -10.84 16.29
CA TYR A 313 -5.19 -9.47 16.76
C TYR A 313 -4.00 -8.78 16.10
N ILE A 314 -4.09 -7.47 15.90
CA ILE A 314 -2.98 -6.67 15.39
C ILE A 314 -2.62 -5.59 16.41
N ARG A 315 -1.34 -5.41 16.61
CA ARG A 315 -0.87 -4.41 17.57
C ARG A 315 -1.14 -2.97 17.10
N GLU A 316 -1.63 -2.11 17.99
CA GLU A 316 -2.04 -0.75 17.63
C GLU A 316 -0.95 0.09 16.98
N SER A 317 0.24 0.01 17.55
CA SER A 317 1.41 0.65 16.96
C SER A 317 1.80 0.14 15.57
N LYS A 318 1.36 -1.05 15.20
CA LYS A 318 1.75 -1.64 13.94
C LYS A 318 0.61 -1.67 12.94
N LEU A 319 -0.58 -1.25 13.39
CA LEU A 319 -1.80 -1.39 12.62
C LEU A 319 -1.75 -0.75 11.24
N SER A 320 -1.21 0.45 11.18
CA SER A 320 -1.18 1.12 9.87
C SER A 320 -0.12 0.55 8.93
N GLU A 321 0.97 0.03 9.49
CA GLU A 321 1.94 -0.66 8.63
C GLU A 321 1.41 -2.02 8.17
N VAL A 322 0.85 -2.82 9.08
CA VAL A 322 0.34 -4.15 8.72
C VAL A 322 -0.82 -4.08 7.73
N LEU A 323 -1.69 -3.09 7.92
CA LEU A 323 -2.87 -2.93 7.07
C LEU A 323 -2.72 -1.80 6.06
N GLN A 324 -1.48 -1.52 5.66
CA GLN A 324 -1.21 -0.56 4.59
C GLN A 324 -1.96 -0.87 3.30
N ALA A 325 -2.31 0.17 2.56
CA ALA A 325 -3.03 -0.03 1.32
C ALA A 325 -2.22 -0.83 0.30
N VAL A 326 -2.93 -1.73 -0.37
CA VAL A 326 -2.39 -2.44 -1.50
C VAL A 326 -3.24 -2.03 -2.68
N THR A 327 -2.56 -1.75 -3.77
CA THR A 327 -3.18 -1.39 -5.03
C THR A 327 -2.68 -2.40 -6.04
N ASP A 328 -3.28 -2.37 -7.22
CA ASP A 328 -2.83 -3.26 -8.29
C ASP A 328 -1.41 -2.99 -8.74
N HIS A 329 -0.94 -1.76 -8.50
CA HIS A 329 0.43 -1.39 -8.85
C HIS A 329 1.47 -2.05 -7.97
N ASP A 330 1.05 -2.56 -6.83
CA ASP A 330 1.96 -3.22 -5.90
C ASP A 330 2.25 -4.68 -6.24
N ILE A 331 1.72 -5.16 -7.35
CA ILE A 331 2.06 -6.50 -7.82
C ILE A 331 3.07 -6.33 -8.93
N PRO A 332 4.26 -6.93 -8.87
CA PRO A 332 5.28 -6.81 -9.91
C PRO A 332 4.79 -7.18 -11.29
N GLN A 333 5.24 -6.44 -12.29
CA GLN A 333 4.84 -6.68 -13.67
C GLN A 333 5.15 -8.09 -14.18
N GLN A 334 6.33 -8.61 -13.82
CA GLN A 334 6.64 -10.01 -14.07
C GLN A 334 5.55 -11.00 -13.64
N LEU A 335 5.05 -10.77 -12.41
CA LEU A 335 4.13 -11.71 -11.84
C LEU A 335 2.76 -11.54 -12.44
N VAL A 336 2.35 -10.30 -12.67
CA VAL A 336 1.10 -10.06 -13.37
C VAL A 336 1.07 -10.72 -14.73
N GLU A 337 2.17 -10.55 -15.47
CA GLU A 337 2.30 -11.18 -16.78
C GLU A 337 2.22 -12.70 -16.68
N ARG A 338 2.99 -13.29 -15.77
CA ARG A 338 2.86 -14.72 -15.52
C ARG A 338 1.44 -15.19 -15.19
N LEU A 339 0.81 -14.51 -14.23
CA LEU A 339 -0.52 -14.91 -13.78
C LEU A 339 -1.61 -14.66 -14.81
N GLN A 340 -1.45 -13.62 -15.63
CA GLN A 340 -2.34 -13.45 -16.77
C GLN A 340 -2.19 -14.54 -17.83
N GLU A 341 -0.95 -14.96 -18.14
CA GLU A 341 -0.78 -16.08 -19.06
C GLU A 341 -1.33 -17.38 -18.50
N GLU A 342 -1.11 -17.57 -17.21
CA GLU A 342 -1.66 -18.69 -16.48
C GLU A 342 -3.19 -18.62 -16.26
N LYS A 343 -3.83 -17.51 -16.60
CA LYS A 343 -5.29 -17.40 -16.68
C LYS A 343 -5.78 -17.58 -18.11
N ARG A 344 -4.96 -17.19 -19.09
CA ARG A 344 -5.27 -17.47 -20.49
C ARG A 344 -5.24 -18.97 -20.81
N ILE A 345 -4.29 -19.68 -20.19
CA ILE A 345 -4.25 -21.14 -20.21
C ILE A 345 -5.51 -21.84 -19.68
N GLU A 346 -6.30 -21.13 -18.86
CA GLU A 346 -7.54 -21.70 -18.33
C GLU A 346 -8.75 -21.55 -19.26
N ALA A 347 -8.60 -20.82 -20.37
CA ALA A 347 -9.70 -20.65 -21.32
C ALA A 347 -9.35 -21.38 -22.63
N LYS B 4 16.05 28.96 6.16
CA LYS B 4 15.15 27.83 6.48
C LYS B 4 14.08 28.23 7.51
N HIS B 5 13.59 29.47 7.41
CA HIS B 5 12.62 30.05 8.36
C HIS B 5 11.27 29.34 8.41
N THR B 6 10.91 28.80 7.25
CA THR B 6 9.67 28.08 7.03
C THR B 6 9.74 26.61 7.43
N GLY B 7 10.96 26.14 7.65
CA GLY B 7 11.22 24.72 7.84
C GLY B 7 11.78 24.06 6.60
N TYR B 8 11.70 24.74 5.47
CA TYR B 8 12.00 24.16 4.17
C TYR B 8 13.21 24.86 3.61
N VAL B 9 14.06 24.11 2.91
CA VAL B 9 15.23 24.70 2.29
C VAL B 9 15.01 24.86 0.80
N GLY B 10 15.82 25.74 0.22
CA GLY B 10 15.68 26.07 -1.18
C GLY B 10 16.74 25.40 -2.03
N LEU B 11 16.64 25.62 -3.32
CA LEU B 11 17.60 25.11 -4.28
C LEU B 11 18.44 26.28 -4.77
N LYS B 12 19.71 26.02 -5.08
CA LYS B 12 20.59 27.03 -5.66
C LYS B 12 20.04 27.62 -6.95
N ASN B 13 20.42 28.86 -7.21
CA ASN B 13 19.86 29.69 -8.28
C ASN B 13 19.64 28.95 -9.58
N GLN B 14 18.41 29.06 -10.08
CA GLN B 14 17.97 28.43 -11.32
C GLN B 14 18.90 28.53 -12.51
N GLY B 15 19.53 29.69 -12.68
CA GLY B 15 20.29 30.02 -13.87
C GLY B 15 19.74 29.49 -15.18
N ALA B 16 20.51 28.58 -15.78
CA ALA B 16 20.11 27.99 -17.05
C ALA B 16 19.05 26.89 -16.92
N THR B 17 18.59 26.56 -15.72
CA THR B 17 17.77 25.35 -15.54
C THR B 17 16.27 25.62 -15.48
N CYS B 18 15.86 26.89 -15.46
CA CYS B 18 14.47 27.23 -15.76
C CYS B 18 13.46 26.76 -14.71
N TYR B 19 12.56 25.89 -15.14
CA TYR B 19 11.48 25.36 -14.30
C TYR B 19 11.89 24.13 -13.50
N MET B 20 13.16 23.73 -13.59
CA MET B 20 13.60 22.56 -12.87
C MET B 20 13.45 22.64 -11.37
N ASN B 21 13.85 23.75 -10.77
CA ASN B 21 13.79 23.83 -9.31
C ASN B 21 12.35 23.76 -8.79
N SER B 22 11.47 24.39 -9.55
CA SER B 22 10.03 24.29 -9.33
C SER B 22 9.51 22.85 -9.31
N LEU B 23 9.96 22.06 -10.29
CA LEU B 23 9.59 20.67 -10.37
C LEU B 23 10.22 19.83 -9.27
N LEU B 24 11.47 20.10 -8.93
CA LEU B 24 12.10 19.34 -7.84
C LEU B 24 11.41 19.51 -6.50
N GLN B 25 11.04 20.73 -6.15
CA GLN B 25 10.29 20.96 -4.89
C GLN B 25 8.94 20.25 -4.88
N THR B 26 8.25 20.33 -6.01
CA THR B 26 6.96 19.67 -6.23
C THR B 26 7.03 18.17 -5.99
N LEU B 27 8.04 17.58 -6.59
CA LEU B 27 8.29 16.17 -6.48
C LEU B 27 8.82 15.77 -5.12
N PHE B 28 9.64 16.63 -4.52
CA PHE B 28 10.16 16.35 -3.19
C PHE B 28 9.04 16.33 -2.14
N PHE B 29 8.06 17.22 -2.30
CA PHE B 29 6.91 17.22 -1.41
C PHE B 29 5.83 16.24 -1.78
N THR B 30 6.05 15.42 -2.79
CA THR B 30 5.20 14.25 -3.00
C THR B 30 5.85 13.15 -2.14
N ASN B 31 5.50 13.16 -0.86
CA ASN B 31 6.27 12.42 0.16
C ASN B 31 6.34 10.95 -0.03
N GLN B 32 5.22 10.39 -0.48
CA GLN B 32 5.23 8.99 -0.89
C GLN B 32 6.23 8.67 -2.02
N LEU B 33 6.39 9.60 -2.97
CA LEU B 33 7.41 9.43 -4.02
C LEU B 33 8.81 9.49 -3.42
N ARG B 34 9.04 10.50 -2.58
CA ARG B 34 10.32 10.68 -1.93
C ARG B 34 10.80 9.46 -1.13
N LYS B 35 9.87 8.84 -0.38
CA LYS B 35 10.16 7.64 0.39
C LYS B 35 10.54 6.47 -0.49
N ALA B 36 9.84 6.30 -1.60
CA ALA B 36 10.22 5.25 -2.52
C ALA B 36 11.55 5.54 -3.23
N VAL B 37 11.84 6.81 -3.53
CA VAL B 37 13.13 7.20 -4.09
C VAL B 37 14.28 6.81 -3.17
N TYR B 38 14.12 7.06 -1.88
CA TYR B 38 15.10 6.56 -0.92
C TYR B 38 15.31 5.06 -0.85
N MET B 39 14.30 4.27 -1.19
CA MET B 39 14.47 2.81 -1.20
C MET B 39 15.08 2.24 -2.46
N MET B 40 15.32 3.05 -3.47
CA MET B 40 15.91 2.52 -4.69
C MET B 40 17.33 2.01 -4.46
N PRO B 41 17.70 0.84 -4.97
CA PRO B 41 18.99 0.22 -4.68
C PRO B 41 20.10 0.78 -5.56
N THR B 42 20.62 1.94 -5.18
CA THR B 42 21.55 2.66 -6.03
C THR B 42 23.00 2.37 -5.66
N GLU B 43 23.23 1.17 -5.13
CA GLU B 43 24.45 0.93 -4.39
C GLU B 43 25.68 0.81 -5.31
N GLY B 44 25.44 0.31 -6.50
CA GLY B 44 26.48 0.16 -7.50
C GLY B 44 26.43 1.19 -8.61
N ASP B 45 25.71 2.27 -8.35
CA ASP B 45 25.51 3.30 -9.37
C ASP B 45 26.66 4.29 -9.30
N ASP B 46 26.94 4.88 -10.45
CA ASP B 46 28.01 5.87 -10.59
C ASP B 46 27.49 7.25 -10.17
N SER B 47 28.25 7.91 -9.32
CA SER B 47 27.94 9.22 -8.70
C SER B 47 27.70 10.41 -9.63
N SER B 48 27.74 10.18 -10.94
CA SER B 48 27.57 11.25 -11.93
C SER B 48 26.59 10.88 -13.02
N LYS B 49 26.47 9.58 -13.30
CA LYS B 49 25.69 9.14 -14.46
C LYS B 49 24.33 8.57 -14.06
N SER B 50 24.13 8.32 -12.77
CA SER B 50 22.85 7.80 -12.31
C SER B 50 21.91 8.94 -11.97
N VAL B 51 20.85 9.05 -12.78
CA VAL B 51 19.74 9.91 -12.40
C VAL B 51 19.08 9.50 -11.09
N PRO B 52 18.81 8.20 -10.83
CA PRO B 52 18.28 7.78 -9.55
C PRO B 52 19.07 8.26 -8.35
N LEU B 53 20.39 8.07 -8.41
CA LEU B 53 21.23 8.51 -7.31
C LEU B 53 21.24 10.01 -7.14
N ALA B 54 21.26 10.70 -8.27
CA ALA B 54 21.24 12.15 -8.21
C ALA B 54 19.96 12.73 -7.64
N LEU B 55 18.84 12.05 -7.92
CA LEU B 55 17.58 12.49 -7.34
C LEU B 55 17.51 12.18 -5.86
N GLN B 56 18.03 11.01 -5.45
CA GLN B 56 18.24 10.74 -4.02
C GLN B 56 19.08 11.78 -3.29
N ARG B 57 20.14 12.21 -3.96
CA ARG B 57 21.00 13.26 -3.44
C ARG B 57 20.25 14.56 -3.19
N VAL B 58 19.57 15.05 -4.22
CA VAL B 58 18.83 16.30 -4.05
C VAL B 58 17.74 16.20 -2.99
N PHE B 59 17.01 15.10 -2.97
CA PHE B 59 15.97 14.94 -1.94
C PHE B 59 16.55 14.81 -0.54
N TYR B 60 17.63 14.03 -0.36
CA TYR B 60 18.33 13.95 0.92
C TYR B 60 18.76 15.32 1.41
N GLU B 61 19.40 16.06 0.51
CA GLU B 61 19.83 17.40 0.86
C GLU B 61 18.66 18.36 1.10
N LEU B 62 17.57 18.24 0.37
CA LEU B 62 16.38 19.05 0.67
C LEU B 62 15.77 18.68 2.01
N GLN B 63 15.90 17.42 2.40
CA GLN B 63 15.38 17.02 3.70
C GLN B 63 16.31 17.41 4.85
N HIS B 64 17.61 17.46 4.60
CA HIS B 64 18.59 17.60 5.68
C HIS B 64 19.41 18.88 5.70
N SER B 65 19.63 19.53 4.57
CA SER B 65 20.50 20.69 4.55
C SER B 65 19.80 21.93 5.10
N ASP B 66 20.60 22.86 5.60
CA ASP B 66 20.11 24.19 5.97
C ASP B 66 20.62 25.26 5.02
N LYS B 67 21.55 24.88 4.16
CA LYS B 67 21.99 25.71 3.03
C LYS B 67 21.26 25.28 1.77
N PRO B 68 21.10 26.17 0.77
CA PRO B 68 20.50 25.79 -0.50
C PRO B 68 21.19 24.68 -1.24
N VAL B 69 20.37 23.83 -1.83
CA VAL B 69 20.80 22.57 -2.39
C VAL B 69 21.13 22.76 -3.86
N GLY B 70 22.14 22.04 -4.34
CA GLY B 70 22.56 22.23 -5.72
C GLY B 70 22.18 21.06 -6.59
N THR B 71 22.17 21.32 -7.89
CA THR B 71 21.53 20.44 -8.85
C THR B 71 22.47 20.02 -9.96
N LYS B 72 23.76 20.33 -9.80
CA LYS B 72 24.67 20.17 -10.94
C LYS B 72 24.89 18.72 -11.31
N LYS B 73 25.06 17.85 -10.30
CA LYS B 73 25.12 16.42 -10.57
C LYS B 73 23.86 15.83 -11.19
N LEU B 74 22.71 16.41 -10.84
CA LEU B 74 21.44 15.98 -11.40
C LEU B 74 21.29 16.36 -12.86
N THR B 75 21.50 17.64 -13.18
CA THR B 75 21.49 18.05 -14.59
C THR B 75 22.52 17.35 -15.46
N LYS B 76 23.70 17.13 -14.91
CA LYS B 76 24.71 16.29 -15.54
C LYS B 76 24.24 14.86 -15.80
N SER B 77 23.61 14.26 -14.80
CA SER B 77 23.10 12.90 -14.93
C SER B 77 22.11 12.68 -16.07
N PHE B 78 21.14 13.59 -16.27
CA PHE B 78 20.18 13.36 -17.36
C PHE B 78 20.52 14.08 -18.64
N GLY B 79 21.45 15.04 -18.57
CA GLY B 79 22.13 15.46 -19.79
C GLY B 79 21.68 16.78 -20.35
N TRP B 80 20.71 17.43 -19.72
CA TRP B 80 20.27 18.74 -20.15
C TRP B 80 21.12 19.77 -19.41
N GLU B 81 22.08 20.34 -20.11
CA GLU B 81 23.08 21.18 -19.46
C GLU B 81 23.13 22.59 -20.00
N THR B 82 22.16 22.93 -20.84
CA THR B 82 22.09 24.25 -21.44
C THR B 82 20.69 24.81 -21.32
N LEU B 83 20.59 26.13 -21.41
CA LEU B 83 19.30 26.80 -21.44
C LEU B 83 18.39 26.31 -22.55
N ASP B 84 18.99 26.00 -23.69
CA ASP B 84 18.21 25.54 -24.82
C ASP B 84 17.62 24.16 -24.62
N SER B 85 18.36 23.26 -23.98
CA SER B 85 17.77 21.99 -23.54
C SER B 85 16.53 22.12 -22.65
N PHE B 86 16.49 23.10 -21.74
CA PHE B 86 15.24 23.37 -21.01
C PHE B 86 14.20 24.13 -21.83
N MET B 87 14.63 25.03 -22.70
CA MET B 87 13.67 25.88 -23.39
C MET B 87 12.92 25.14 -24.51
N GLN B 88 13.58 24.16 -25.10
CA GLN B 88 12.97 23.32 -26.13
C GLN B 88 12.06 22.22 -25.59
N HIS B 89 11.97 22.11 -24.27
CA HIS B 89 11.15 21.11 -23.62
C HIS B 89 10.19 21.76 -22.67
N ASP B 90 9.17 21.02 -22.26
CA ASP B 90 8.20 21.50 -21.30
C ASP B 90 8.41 20.75 -19.98
N VAL B 91 7.78 21.25 -18.92
CA VAL B 91 7.89 20.69 -17.57
C VAL B 91 7.46 19.24 -17.46
N GLN B 92 6.41 18.86 -18.19
CA GLN B 92 5.98 17.45 -18.18
C GLN B 92 6.95 16.49 -18.83
N GLU B 93 7.78 17.00 -19.74
CA GLU B 93 8.78 16.16 -20.40
C GLU B 93 10.00 15.98 -19.52
N LEU B 94 10.35 17.03 -18.78
CA LEU B 94 11.34 16.90 -17.73
C LEU B 94 10.90 15.92 -16.65
N CYS B 95 9.65 16.04 -16.19
CA CYS B 95 9.11 15.11 -15.21
C CYS B 95 9.08 13.69 -15.75
N ARG B 96 8.73 13.54 -17.00
CA ARG B 96 8.75 12.21 -17.59
C ARG B 96 10.16 11.64 -17.67
N VAL B 97 11.15 12.47 -18.00
CA VAL B 97 12.55 12.05 -17.93
C VAL B 97 12.96 11.55 -16.55
N LEU B 98 12.66 12.36 -15.54
CA LEU B 98 13.04 11.99 -14.20
C LEU B 98 12.32 10.75 -13.72
N LEU B 99 11.00 10.75 -13.88
CA LEU B 99 10.21 9.68 -13.29
C LEU B 99 10.31 8.39 -14.10
N ASP B 100 10.55 8.42 -15.40
CA ASP B 100 10.92 7.18 -16.10
C ASP B 100 12.20 6.54 -15.58
N ASN B 101 13.21 7.36 -15.29
CA ASN B 101 14.45 6.81 -14.74
C ASN B 101 14.24 6.09 -13.43
N VAL B 102 13.53 6.79 -12.56
CA VAL B 102 13.21 6.26 -11.24
C VAL B 102 12.26 5.07 -11.31
N GLU B 103 11.26 5.11 -12.18
CA GLU B 103 10.37 3.99 -12.39
C GLU B 103 11.10 2.74 -12.82
N ASN B 104 11.97 2.90 -13.81
CA ASN B 104 12.85 1.80 -14.23
C ASN B 104 13.78 1.29 -13.16
N LYS B 105 14.32 2.16 -12.31
CA LYS B 105 15.19 1.68 -11.23
C LYS B 105 14.43 0.95 -10.13
N MET B 106 13.18 1.35 -9.91
CA MET B 106 12.36 0.65 -8.93
C MET B 106 11.85 -0.70 -9.45
N LYS B 107 11.91 -0.98 -10.75
CA LYS B 107 11.42 -2.25 -11.28
C LYS B 107 12.24 -3.40 -10.76
N GLY B 108 11.55 -4.36 -10.16
CA GLY B 108 12.23 -5.48 -9.54
C GLY B 108 12.43 -5.31 -8.05
N THR B 109 12.07 -4.16 -7.50
CA THR B 109 12.30 -3.86 -6.08
C THR B 109 11.01 -3.89 -5.28
N CYS B 110 11.17 -3.69 -3.97
CA CYS B 110 10.05 -3.52 -3.05
C CYS B 110 9.14 -2.31 -3.29
N VAL B 111 9.59 -1.35 -4.11
CA VAL B 111 8.80 -0.15 -4.37
C VAL B 111 8.43 -0.02 -5.84
N GLU B 112 8.56 -1.11 -6.59
CA GLU B 112 8.00 -1.18 -7.93
C GLU B 112 6.54 -0.75 -8.00
N GLY B 113 6.26 0.13 -8.95
CA GLY B 113 4.89 0.55 -9.19
C GLY B 113 4.53 1.87 -8.56
N THR B 114 5.45 2.46 -7.80
CA THR B 114 5.20 3.72 -7.12
C THR B 114 4.81 4.86 -8.06
N ILE B 115 5.57 5.03 -9.15
CA ILE B 115 5.28 6.09 -10.12
C ILE B 115 3.87 5.99 -10.71
N PRO B 116 3.46 4.86 -11.30
CA PRO B 116 2.09 4.74 -11.77
C PRO B 116 1.02 4.78 -10.70
N LYS B 117 1.32 4.22 -9.53
CA LYS B 117 0.45 4.37 -8.39
C LYS B 117 0.10 5.81 -8.10
N LEU B 118 1.10 6.68 -8.09
CA LEU B 118 0.81 8.06 -7.73
C LEU B 118 0.28 8.88 -8.87
N PHE B 119 0.78 8.61 -10.08
CA PHE B 119 0.65 9.61 -11.14
C PHE B 119 -0.13 9.16 -12.34
N ARG B 120 -0.36 7.85 -12.49
CA ARG B 120 -0.92 7.40 -13.75
C ARG B 120 -2.44 7.26 -13.67
N GLY B 121 -3.14 7.83 -14.65
CA GLY B 121 -4.57 7.63 -14.81
C GLY B 121 -4.90 7.04 -16.16
N LYS B 122 -6.16 6.63 -16.34
CA LYS B 122 -6.62 6.03 -17.60
C LYS B 122 -7.69 6.89 -18.27
N MET B 123 -7.62 6.99 -19.58
CA MET B 123 -8.65 7.64 -20.40
C MET B 123 -9.05 6.80 -21.59
N VAL B 124 -10.24 7.08 -22.13
CA VAL B 124 -10.69 6.50 -23.39
C VAL B 124 -10.92 7.60 -24.37
N SER B 125 -10.28 7.46 -25.51
CA SER B 125 -10.66 8.20 -26.71
C SER B 125 -11.68 7.35 -27.46
N TYR B 126 -12.57 8.00 -28.20
CA TYR B 126 -13.48 7.25 -29.06
C TYR B 126 -13.82 8.03 -30.30
N ILE B 127 -14.12 7.30 -31.37
CA ILE B 127 -14.84 7.86 -32.51
C ILE B 127 -16.06 6.97 -32.73
N GLN B 128 -17.24 7.59 -32.65
CA GLN B 128 -18.50 6.89 -32.85
C GLN B 128 -19.18 7.44 -34.09
N CYS B 129 -19.52 6.55 -35.01
CA CYS B 129 -20.30 6.96 -36.18
C CYS B 129 -21.79 7.20 -35.83
N LYS B 130 -22.30 8.31 -36.33
CA LYS B 130 -23.68 8.68 -36.09
C LYS B 130 -24.61 7.92 -37.04
N GLU B 131 -24.26 7.99 -38.33
CA GLU B 131 -25.17 7.57 -39.40
C GLU B 131 -25.06 6.09 -39.76
N VAL B 132 -24.01 5.42 -39.28
CA VAL B 132 -23.81 3.98 -39.46
C VAL B 132 -23.22 3.46 -38.17
N ASP B 133 -23.36 2.16 -37.90
CA ASP B 133 -22.71 1.61 -36.71
C ASP B 133 -21.23 1.34 -36.99
N TYR B 134 -20.39 1.83 -36.09
CA TYR B 134 -18.96 1.56 -36.03
C TYR B 134 -18.47 2.40 -34.87
N ARG B 135 -17.58 1.84 -34.07
CA ARG B 135 -16.97 2.62 -33.00
C ARG B 135 -15.57 2.11 -32.82
N SER B 136 -14.62 3.02 -32.82
CA SER B 136 -13.26 2.70 -32.46
C SER B 136 -13.03 3.30 -31.08
N ASP B 137 -12.47 2.51 -30.15
CA ASP B 137 -12.05 3.03 -28.84
C ASP B 137 -10.55 2.81 -28.66
N ARG B 138 -9.91 3.77 -28.01
CA ARG B 138 -8.56 3.58 -27.52
C ARG B 138 -8.50 3.95 -26.05
N ARG B 139 -8.18 2.96 -25.22
CA ARG B 139 -7.79 3.22 -23.85
C ARG B 139 -6.33 3.69 -23.79
N GLU B 140 -6.09 4.81 -23.12
CA GLU B 140 -4.74 5.36 -22.93
C GLU B 140 -4.44 5.56 -21.46
N ASP B 141 -3.19 5.38 -21.09
CA ASP B 141 -2.71 5.92 -19.82
C ASP B 141 -2.18 7.32 -20.04
N TYR B 142 -2.25 8.14 -19.00
CA TYR B 142 -1.62 9.46 -18.98
C TYR B 142 -0.93 9.65 -17.64
N TYR B 143 0.08 10.52 -17.59
CA TYR B 143 0.72 10.91 -16.32
C TYR B 143 0.51 12.38 -15.99
N ASP B 144 -0.16 13.08 -16.89
CA ASP B 144 -0.24 14.54 -16.90
C ASP B 144 -1.33 14.89 -17.90
N ILE B 145 -1.89 16.09 -17.74
CA ILE B 145 -2.94 16.57 -18.61
C ILE B 145 -2.59 17.97 -19.02
N GLN B 146 -2.70 18.25 -20.31
CA GLN B 146 -2.50 19.61 -20.79
C GLN B 146 -3.90 20.19 -21.01
N LEU B 147 -4.16 21.32 -20.37
CA LEU B 147 -5.48 21.95 -20.41
C LEU B 147 -5.44 23.22 -21.27
N SER B 148 -6.44 23.37 -22.14
CA SER B 148 -6.56 24.55 -22.97
C SER B 148 -7.12 25.71 -22.13
N ILE B 149 -6.53 26.89 -22.27
CA ILE B 149 -6.90 28.03 -21.45
C ILE B 149 -7.44 29.22 -22.26
N LYS B 150 -7.05 29.38 -23.52
CA LYS B 150 -7.59 30.47 -24.34
C LYS B 150 -9.12 30.40 -24.46
N GLY B 151 -9.76 31.46 -23.97
CA GLY B 151 -11.22 31.46 -23.99
C GLY B 151 -11.87 30.77 -22.82
N LYS B 152 -11.06 30.27 -21.90
CA LYS B 152 -11.56 29.57 -20.72
C LYS B 152 -11.29 30.46 -19.52
N LYS B 153 -12.30 30.58 -18.68
CA LYS B 153 -12.21 31.42 -17.49
C LYS B 153 -11.56 30.65 -16.36
N ASN B 154 -11.75 29.34 -16.35
CA ASN B 154 -11.37 28.54 -15.20
C ASN B 154 -11.05 27.10 -15.57
N ILE B 155 -10.51 26.36 -14.59
CA ILE B 155 -10.22 24.93 -14.71
C ILE B 155 -11.42 24.10 -15.14
N PHE B 156 -12.57 24.36 -14.53
CA PHE B 156 -13.81 23.70 -14.94
C PHE B 156 -14.08 23.83 -16.43
N GLU B 157 -14.00 25.05 -16.93
CA GLU B 157 -14.17 25.29 -18.36
C GLU B 157 -13.11 24.65 -19.23
N SER B 158 -11.88 24.50 -18.72
CA SER B 158 -10.90 23.71 -19.47
C SER B 158 -11.26 22.23 -19.51
N PHE B 159 -11.73 21.68 -18.39
CA PHE B 159 -12.09 20.26 -18.36
C PHE B 159 -13.32 19.97 -19.20
N VAL B 160 -14.31 20.88 -19.16
CA VAL B 160 -15.45 20.85 -20.08
C VAL B 160 -15.03 20.82 -21.54
N ASP B 161 -14.16 21.75 -21.92
CA ASP B 161 -13.55 21.69 -23.25
C ASP B 161 -12.81 20.37 -23.56
N TYR B 162 -12.01 19.90 -22.60
CA TYR B 162 -11.20 18.69 -22.76
C TYR B 162 -12.00 17.43 -23.14
N VAL B 163 -13.18 17.29 -22.53
CA VAL B 163 -14.06 16.16 -22.82
C VAL B 163 -15.21 16.55 -23.76
N ALA B 164 -15.15 17.73 -24.38
CA ALA B 164 -16.23 18.12 -25.27
C ALA B 164 -16.21 17.28 -26.54
N VAL B 165 -17.40 16.85 -26.95
CA VAL B 165 -17.57 16.04 -28.15
C VAL B 165 -17.37 16.90 -29.38
N GLU B 166 -16.48 16.44 -30.25
CA GLU B 166 -16.29 17.05 -31.54
C GLU B 166 -17.16 16.28 -32.53
N GLN B 167 -17.87 17.04 -33.36
CA GLN B 167 -18.61 16.48 -34.47
C GLN B 167 -17.70 16.41 -35.67
N LEU B 168 -17.59 15.22 -36.23
CA LEU B 168 -16.83 15.00 -37.45
C LEU B 168 -17.83 14.93 -38.62
N ASP B 169 -18.03 16.07 -39.27
CA ASP B 169 -19.01 16.15 -40.34
C ASP B 169 -18.70 17.25 -41.35
N GLY B 170 -19.43 17.18 -42.46
CA GLY B 170 -19.25 18.17 -43.50
C GLY B 170 -18.14 17.74 -44.41
N ASP B 171 -17.17 18.63 -44.52
CA ASP B 171 -15.85 18.29 -45.05
C ASP B 171 -15.05 17.43 -44.07
N ASN B 172 -15.20 17.72 -42.78
CA ASN B 172 -14.39 17.13 -41.70
C ASN B 172 -14.93 15.79 -41.23
N LYS B 173 -15.39 15.04 -42.20
CA LYS B 173 -16.08 13.78 -42.02
C LYS B 173 -15.07 12.65 -41.75
N TYR B 174 -15.53 11.58 -41.12
CA TYR B 174 -14.62 10.56 -40.66
C TYR B 174 -14.46 9.46 -41.68
N ASP B 175 -13.21 9.07 -41.96
CA ASP B 175 -12.95 7.88 -42.77
C ASP B 175 -13.23 6.65 -41.94
N ALA B 176 -14.38 6.06 -42.19
CA ALA B 176 -14.78 4.83 -41.53
C ALA B 176 -14.50 3.60 -42.42
N GLY B 177 -13.55 3.72 -43.34
CA GLY B 177 -12.97 2.55 -43.92
C GLY B 177 -13.84 1.98 -45.02
N GLU B 178 -14.44 0.85 -44.68
CA GLU B 178 -15.43 0.22 -45.53
C GLU B 178 -16.69 1.02 -45.72
N HIS B 179 -17.04 1.79 -44.68
CA HIS B 179 -18.31 2.53 -44.70
C HIS B 179 -18.14 3.93 -45.23
N GLY B 180 -16.95 4.29 -45.66
CA GLY B 180 -16.82 5.55 -46.36
C GLY B 180 -16.66 6.72 -45.44
N LEU B 181 -16.87 7.90 -46.00
CA LEU B 181 -16.89 9.09 -45.16
C LEU B 181 -18.23 9.15 -44.40
N GLN B 182 -18.18 8.66 -43.17
CA GLN B 182 -19.29 8.71 -42.23
C GLN B 182 -19.19 9.91 -41.33
N GLU B 183 -20.34 10.37 -40.88
CA GLU B 183 -20.34 11.42 -39.90
C GLU B 183 -20.23 10.77 -38.53
N ALA B 184 -19.44 11.42 -37.68
CA ALA B 184 -19.06 10.82 -36.42
C ALA B 184 -18.98 11.84 -35.30
N GLU B 185 -18.95 11.32 -34.09
CA GLU B 185 -18.63 12.08 -32.90
C GLU B 185 -17.33 11.54 -32.31
N LYS B 186 -16.44 12.47 -31.95
CA LYS B 186 -15.11 12.18 -31.41
C LYS B 186 -15.02 12.83 -30.04
N GLY B 187 -14.62 12.07 -29.03
CA GLY B 187 -14.45 12.65 -27.70
C GLY B 187 -13.43 11.91 -26.86
N VAL B 188 -13.22 12.41 -25.64
CA VAL B 188 -12.41 11.72 -24.63
C VAL B 188 -13.19 11.67 -23.33
N LYS B 189 -13.07 10.58 -22.59
CA LYS B 189 -13.53 10.54 -21.21
C LYS B 189 -12.42 10.04 -20.31
N PHE B 190 -12.36 10.57 -19.08
CA PHE B 190 -11.49 10.00 -18.05
C PHE B 190 -12.12 8.76 -17.43
N LEU B 191 -11.31 7.72 -17.25
CA LEU B 191 -11.77 6.52 -16.57
C LEU B 191 -11.30 6.48 -15.12
N THR B 192 -10.12 7.02 -14.89
CA THR B 192 -9.56 7.17 -13.55
C THR B 192 -8.83 8.49 -13.50
N LEU B 193 -8.80 9.06 -12.32
CA LEU B 193 -7.90 10.17 -12.04
C LEU B 193 -6.90 9.70 -10.97
N PRO B 194 -5.62 10.05 -11.10
CA PRO B 194 -4.56 9.54 -10.22
C PRO B 194 -4.55 10.20 -8.85
N PRO B 195 -3.92 9.61 -7.83
CA PRO B 195 -3.77 10.30 -6.55
C PRO B 195 -3.14 11.69 -6.64
N VAL B 196 -2.13 11.86 -7.51
CA VAL B 196 -1.48 13.14 -7.75
C VAL B 196 -1.72 13.52 -9.19
N LEU B 197 -2.37 14.65 -9.39
CA LEU B 197 -2.82 15.04 -10.71
C LEU B 197 -1.99 16.22 -11.19
N HIS B 198 -1.23 16.02 -12.27
CA HIS B 198 -0.39 17.06 -12.85
C HIS B 198 -1.08 17.71 -14.05
N LEU B 199 -1.41 18.99 -13.91
CA LEU B 199 -2.14 19.74 -14.92
C LEU B 199 -1.25 20.83 -15.44
N GLN B 200 -0.97 20.80 -16.75
CA GLN B 200 -0.27 21.91 -17.39
C GLN B 200 -1.27 22.76 -18.14
N LEU B 201 -1.00 24.05 -18.15
CA LEU B 201 -1.92 25.02 -18.73
C LEU B 201 -1.30 25.50 -20.02
N MET B 202 -2.06 25.43 -21.11
CA MET B 202 -1.49 25.74 -22.42
C MET B 202 -1.34 27.23 -22.61
N ARG B 203 -0.21 27.74 -22.14
CA ARG B 203 0.13 29.15 -22.19
C ARG B 203 0.77 29.57 -23.49
N PHE B 204 1.08 28.62 -24.35
CA PHE B 204 1.47 28.90 -25.71
C PHE B 204 0.53 28.20 -26.64
N MET B 205 0.04 28.92 -27.64
CA MET B 205 -0.70 28.31 -28.73
C MET B 205 0.08 28.55 -30.01
N TYR B 206 0.22 27.50 -30.81
CA TYR B 206 0.80 27.67 -32.12
C TYR B 206 -0.21 28.36 -33.01
N ASP B 207 0.25 29.44 -33.63
CA ASP B 207 -0.53 30.18 -34.59
C ASP B 207 0.10 29.93 -35.97
N PRO B 208 -0.50 29.08 -36.85
CA PRO B 208 0.05 28.78 -38.17
C PRO B 208 0.37 29.96 -39.10
N GLN B 209 -0.42 31.02 -39.01
CA GLN B 209 -0.23 32.18 -39.87
C GLN B 209 0.98 33.05 -39.51
N THR B 210 1.40 33.01 -38.24
CA THR B 210 2.67 33.66 -37.87
C THR B 210 3.80 32.61 -37.81
N ASP B 211 3.42 31.33 -37.78
CA ASP B 211 4.34 30.19 -37.71
C ASP B 211 5.00 30.06 -36.34
N GLN B 212 4.30 30.55 -35.33
CA GLN B 212 4.92 30.89 -34.06
C GLN B 212 3.99 30.54 -32.93
N ASN B 213 4.61 30.23 -31.81
CA ASN B 213 3.86 30.05 -30.59
C ASN B 213 3.74 31.39 -29.92
N ILE B 214 2.50 31.82 -29.77
CA ILE B 214 2.17 33.07 -29.13
C ILE B 214 1.78 32.77 -27.69
N LYS B 215 2.34 33.58 -26.81
CA LYS B 215 2.05 33.55 -25.40
C LYS B 215 0.62 33.97 -25.09
N ILE B 216 -0.08 33.17 -24.29
CA ILE B 216 -1.38 33.54 -23.75
C ILE B 216 -1.14 34.01 -22.32
N ASN B 217 -1.24 35.32 -22.09
CA ASN B 217 -1.17 35.87 -20.74
C ASN B 217 -2.55 36.06 -20.10
N ASP B 218 -3.60 35.46 -20.69
CA ASP B 218 -4.96 35.62 -20.18
C ASP B 218 -5.13 35.20 -18.74
N ARG B 219 -6.07 35.85 -18.08
CA ARG B 219 -6.48 35.40 -16.76
C ARG B 219 -7.17 34.04 -16.84
N PHE B 220 -6.86 33.22 -15.85
CA PHE B 220 -7.32 31.86 -15.85
C PHE B 220 -7.35 31.41 -14.40
N GLU B 221 -8.53 31.09 -13.91
CA GLU B 221 -8.75 30.92 -12.48
C GLU B 221 -8.76 29.42 -12.16
N PHE B 222 -8.18 29.06 -11.02
CA PHE B 222 -8.13 27.65 -10.60
C PHE B 222 -8.50 27.56 -9.12
N PRO B 223 -9.26 26.56 -8.67
CA PRO B 223 -9.75 26.56 -7.30
C PRO B 223 -8.81 25.80 -6.37
N GLU B 224 -8.87 26.12 -5.09
CA GLU B 224 -8.30 25.28 -4.04
C GLU B 224 -8.89 23.86 -4.00
N GLN B 225 -10.21 23.79 -4.11
CA GLN B 225 -10.94 22.54 -4.07
C GLN B 225 -11.43 22.29 -5.48
N LEU B 226 -11.11 21.14 -6.05
CA LEU B 226 -11.39 20.86 -7.44
C LEU B 226 -12.20 19.58 -7.49
N PRO B 227 -13.52 19.63 -7.68
CA PRO B 227 -14.33 18.41 -7.82
C PRO B 227 -14.33 17.99 -9.29
N LEU B 228 -14.06 16.71 -9.54
CA LEU B 228 -13.78 16.22 -10.89
C LEU B 228 -14.67 15.06 -11.27
N ASP B 229 -15.59 14.65 -10.39
CA ASP B 229 -16.54 13.57 -10.69
C ASP B 229 -17.29 13.72 -12.00
N GLU B 230 -17.63 14.96 -12.37
CA GLU B 230 -18.29 15.25 -13.63
C GLU B 230 -17.60 14.74 -14.89
N PHE B 231 -16.29 14.56 -14.77
CA PHE B 231 -15.48 14.29 -15.93
C PHE B 231 -15.09 12.82 -16.00
N LEU B 232 -15.51 12.03 -15.02
CA LEU B 232 -15.29 10.59 -15.11
C LEU B 232 -16.40 9.94 -15.90
N GLN B 233 -16.04 8.83 -16.53
CA GLN B 233 -17.05 8.00 -17.17
C GLN B 233 -17.92 7.22 -16.18
N LYS B 234 -17.38 6.86 -15.03
CA LYS B 234 -18.15 6.22 -13.98
C LYS B 234 -17.57 6.69 -12.67
N THR B 235 -18.41 7.34 -11.87
CA THR B 235 -18.01 7.77 -10.53
C THR B 235 -18.13 6.63 -9.54
N ASP B 236 -17.34 6.71 -8.47
CA ASP B 236 -17.45 5.79 -7.35
C ASP B 236 -18.00 6.61 -6.18
N PRO B 237 -19.11 6.22 -5.55
CA PRO B 237 -19.62 6.95 -4.39
C PRO B 237 -18.82 6.74 -3.10
N LYS B 238 -18.02 5.67 -3.06
CA LYS B 238 -17.10 5.44 -1.95
C LYS B 238 -15.85 6.32 -2.06
N ASP B 239 -15.63 6.93 -3.23
CA ASP B 239 -14.43 7.71 -3.50
C ASP B 239 -14.74 8.77 -4.55
N PRO B 240 -15.32 9.92 -4.18
CA PRO B 240 -15.49 11.02 -5.12
C PRO B 240 -14.14 11.62 -5.49
N ALA B 241 -14.08 12.10 -6.72
CA ALA B 241 -12.83 12.63 -7.25
C ALA B 241 -12.70 14.09 -6.85
N ASN B 242 -12.51 14.31 -5.54
CA ASN B 242 -12.30 15.67 -5.04
C ASN B 242 -10.82 15.89 -4.78
N TYR B 243 -10.33 16.98 -5.32
CA TYR B 243 -8.91 17.26 -5.38
C TYR B 243 -8.60 18.55 -4.62
N ILE B 244 -7.46 18.55 -3.94
CA ILE B 244 -6.96 19.68 -3.17
C ILE B 244 -5.70 20.18 -3.85
N LEU B 245 -5.60 21.49 -4.01
CA LEU B 245 -4.46 22.08 -4.69
C LEU B 245 -3.24 21.99 -3.80
N HIS B 246 -2.15 21.52 -4.39
CA HIS B 246 -0.90 21.31 -3.66
C HIS B 246 0.18 22.29 -4.09
N ALA B 247 0.26 22.56 -5.39
CA ALA B 247 1.37 23.32 -5.96
C ALA B 247 0.92 24.17 -7.14
N VAL B 248 1.59 25.32 -7.29
CA VAL B 248 1.32 26.26 -8.38
C VAL B 248 2.67 26.69 -8.93
N LEU B 249 2.99 26.27 -10.15
CA LEU B 249 4.28 26.60 -10.73
C LEU B 249 4.04 27.81 -11.63
N VAL B 250 4.85 28.87 -11.47
CA VAL B 250 4.63 30.13 -12.20
C VAL B 250 5.88 30.61 -12.91
N HIS B 251 5.63 31.35 -13.99
CA HIS B 251 6.65 32.00 -14.79
C HIS B 251 6.32 33.49 -14.84
N SER B 252 7.36 34.31 -14.76
CA SER B 252 7.27 35.75 -14.90
C SER B 252 8.33 36.24 -15.85
N GLY B 253 8.02 37.23 -16.68
CA GLY B 253 9.07 37.87 -17.45
C GLY B 253 9.05 37.45 -18.90
N ASP B 254 10.23 37.54 -19.52
CA ASP B 254 10.39 37.26 -20.95
C ASP B 254 10.09 35.81 -21.33
N ASN B 255 9.58 35.63 -22.54
CA ASN B 255 9.21 34.31 -23.06
C ASN B 255 10.38 33.49 -23.58
N HIS B 256 11.58 33.90 -23.18
CA HIS B 256 12.85 33.40 -23.72
C HIS B 256 13.87 33.31 -22.59
N GLY B 257 13.39 32.84 -21.45
CA GLY B 257 14.03 33.13 -20.19
C GLY B 257 12.93 33.45 -19.20
N GLY B 258 13.12 34.50 -18.43
CA GLY B 258 12.16 34.85 -17.40
C GLY B 258 12.55 34.23 -16.07
N HIS B 259 11.63 34.28 -15.12
CA HIS B 259 11.88 33.82 -13.78
C HIS B 259 10.79 32.87 -13.31
N TYR B 260 11.22 31.74 -12.81
CA TYR B 260 10.31 30.69 -12.37
C TYR B 260 10.27 30.58 -10.85
N VAL B 261 9.06 30.47 -10.30
CA VAL B 261 8.89 30.11 -8.89
C VAL B 261 7.85 29.02 -8.75
N VAL B 262 7.75 28.47 -7.55
CA VAL B 262 6.67 27.57 -7.22
C VAL B 262 6.13 27.95 -5.87
N TYR B 263 4.82 27.89 -5.78
CA TYR B 263 4.12 28.01 -4.53
C TYR B 263 3.66 26.61 -4.16
N LEU B 264 3.77 26.27 -2.88
CA LEU B 264 3.38 24.97 -2.38
C LEU B 264 2.71 25.14 -1.05
N ASN B 265 1.84 24.21 -0.69
CA ASN B 265 1.42 24.06 0.72
C ASN B 265 1.78 22.64 1.11
N PRO B 266 3.05 22.38 1.47
CA PRO B 266 3.56 21.02 1.51
C PRO B 266 2.74 19.96 2.24
N LYS B 267 2.13 20.35 3.35
CA LYS B 267 1.35 19.40 4.15
C LYS B 267 -0.09 19.26 3.70
N GLY B 268 -0.52 20.08 2.75
CA GLY B 268 -1.87 19.91 2.21
C GLY B 268 -2.92 20.59 3.06
N ASP B 269 -2.43 21.48 3.89
CA ASP B 269 -3.20 22.06 4.98
C ASP B 269 -3.58 23.50 4.69
N GLY B 270 -3.16 24.05 3.55
CA GLY B 270 -3.52 25.44 3.27
C GLY B 270 -2.55 26.46 3.80
N LYS B 271 -1.47 26.02 4.43
CA LYS B 271 -0.43 26.93 4.87
C LYS B 271 0.64 26.91 3.79
N TRP B 272 0.67 27.99 3.03
CA TRP B 272 1.45 28.05 1.81
C TRP B 272 2.80 28.71 2.04
N CYS B 273 3.76 28.31 1.19
CA CYS B 273 5.03 29.00 1.00
C CYS B 273 5.32 29.22 -0.46
N LYS B 274 6.06 30.30 -0.72
CA LYS B 274 6.66 30.58 -2.02
C LYS B 274 8.09 30.07 -1.99
N PHE B 275 8.48 29.38 -3.03
CA PHE B 275 9.81 28.83 -3.17
C PHE B 275 10.47 29.52 -4.36
N ASP B 276 11.40 30.39 -4.06
CA ASP B 276 12.04 31.23 -5.05
C ASP B 276 13.53 30.93 -5.05
N ASP B 277 13.86 29.75 -5.56
CA ASP B 277 15.24 29.23 -5.51
C ASP B 277 15.67 29.04 -4.08
N ASP B 278 16.60 29.87 -3.61
CA ASP B 278 17.12 29.72 -2.25
C ASP B 278 16.28 30.41 -1.21
N VAL B 279 15.37 31.29 -1.64
CA VAL B 279 14.52 31.98 -0.69
C VAL B 279 13.17 31.28 -0.63
N VAL B 280 12.92 30.65 0.51
CA VAL B 280 11.64 30.04 0.78
C VAL B 280 10.97 30.89 1.84
N SER B 281 9.78 31.39 1.52
CA SER B 281 9.06 32.30 2.42
C SER B 281 7.61 31.91 2.54
N ARG B 282 7.01 32.18 3.71
CA ARG B 282 5.57 32.05 3.84
C ARG B 282 4.85 33.06 2.95
N CYS B 283 3.66 32.66 2.53
CA CYS B 283 2.81 33.56 1.80
C CYS B 283 1.38 33.32 2.23
N THR B 284 0.53 34.27 1.87
CA THR B 284 -0.90 34.04 1.98
C THR B 284 -1.35 32.98 0.98
N LYS B 285 -2.51 32.42 1.29
CA LYS B 285 -3.21 31.57 0.35
C LYS B 285 -3.54 32.31 -0.96
N GLU B 286 -3.80 33.59 -0.81
CA GLU B 286 -4.19 34.45 -1.90
C GLU B 286 -3.01 34.78 -2.81
N GLU B 287 -1.80 34.91 -2.25
CA GLU B 287 -0.64 35.06 -3.14
C GLU B 287 -0.36 33.78 -3.93
N ALA B 288 -0.58 32.64 -3.29
CA ALA B 288 -0.37 31.38 -3.98
C ALA B 288 -1.42 31.09 -5.06
N ILE B 289 -2.69 31.29 -4.71
CA ILE B 289 -3.81 30.93 -5.58
C ILE B 289 -4.21 32.16 -6.41
N GLU B 290 -5.15 32.95 -5.94
CA GLU B 290 -5.71 34.04 -6.74
C GLU B 290 -4.77 35.05 -7.42
N HIS B 291 -3.66 35.43 -6.77
CA HIS B 291 -2.73 36.36 -7.43
C HIS B 291 -1.90 35.73 -8.54
N ASN B 292 -2.02 34.42 -8.75
CA ASN B 292 -1.40 33.77 -9.90
C ASN B 292 -2.40 33.43 -11.01
N TYR B 293 -3.62 33.96 -10.88
CA TYR B 293 -4.61 33.83 -11.95
C TYR B 293 -4.27 34.55 -13.24
N GLY B 294 -3.50 35.63 -13.18
CA GLY B 294 -2.96 36.18 -14.43
C GLY B 294 -3.78 37.34 -14.95
N GLY B 295 -3.36 37.83 -16.11
CA GLY B 295 -4.17 38.82 -16.82
C GLY B 295 -3.80 40.25 -16.49
N HIS B 296 -4.75 41.13 -16.78
CA HIS B 296 -4.86 42.49 -16.22
C HIS B 296 -3.63 43.36 -16.52
N CYS B 305 3.08 40.23 -16.03
CA CYS B 305 3.05 38.99 -16.84
C CYS B 305 3.54 37.81 -16.00
N THR B 306 2.85 37.57 -14.88
CA THR B 306 3.09 36.38 -14.07
C THR B 306 1.95 35.39 -14.35
N ASN B 307 2.31 34.21 -14.85
CA ASN B 307 1.35 33.20 -15.25
C ASN B 307 1.64 31.88 -14.59
N ALA B 308 0.59 31.24 -14.06
CA ALA B 308 0.69 29.81 -13.76
C ALA B 308 0.74 29.01 -15.05
N TYR B 309 1.55 27.97 -15.05
CA TYR B 309 1.62 27.05 -16.17
C TYR B 309 1.49 25.59 -15.76
N MET B 310 1.61 25.28 -14.47
CA MET B 310 1.40 23.92 -13.98
C MET B 310 0.77 23.98 -12.61
N LEU B 311 -0.18 23.08 -12.39
CA LEU B 311 -0.83 22.91 -11.09
C LEU B 311 -0.71 21.46 -10.67
N VAL B 312 -0.58 21.26 -9.36
CA VAL B 312 -0.60 19.92 -8.78
C VAL B 312 -1.73 19.84 -7.82
N TYR B 313 -2.53 18.81 -8.01
CA TYR B 313 -3.65 18.56 -7.15
C TYR B 313 -3.48 17.17 -6.58
N ILE B 314 -3.91 16.98 -5.34
CA ILE B 314 -3.90 15.66 -4.72
C ILE B 314 -5.34 15.30 -4.40
N ARG B 315 -5.69 14.06 -4.62
CA ARG B 315 -7.03 13.60 -4.27
C ARG B 315 -7.21 13.53 -2.76
N GLU B 316 -8.34 14.02 -2.26
CA GLU B 316 -8.63 14.04 -0.81
C GLU B 316 -8.49 12.69 -0.15
N SER B 317 -9.11 11.68 -0.75
CA SER B 317 -9.02 10.31 -0.24
C SER B 317 -7.60 9.71 -0.13
N LYS B 318 -6.65 10.33 -0.84
CA LYS B 318 -5.28 9.84 -0.90
C LYS B 318 -4.32 10.73 -0.15
N LEU B 319 -4.78 11.89 0.30
CA LEU B 319 -3.86 12.91 0.76
C LEU B 319 -2.97 12.52 1.94
N SER B 320 -3.49 11.75 2.89
CA SER B 320 -2.66 11.34 4.02
C SER B 320 -1.63 10.28 3.68
N GLU B 321 -1.90 9.50 2.62
CA GLU B 321 -0.94 8.53 2.16
C GLU B 321 0.11 9.23 1.31
N VAL B 322 -0.31 10.14 0.44
CA VAL B 322 0.63 10.82 -0.44
C VAL B 322 1.56 11.75 0.33
N LEU B 323 1.00 12.46 1.30
CA LEU B 323 1.77 13.37 2.15
C LEU B 323 2.06 12.76 3.54
N GLN B 324 2.20 11.43 3.61
CA GLN B 324 2.73 10.76 4.81
C GLN B 324 4.06 11.34 5.28
N ALA B 325 4.25 11.43 6.59
CA ALA B 325 5.46 12.07 7.08
C ALA B 325 6.69 11.23 6.78
N VAL B 326 7.79 11.90 6.50
CA VAL B 326 9.04 11.21 6.18
C VAL B 326 9.95 11.42 7.37
N THR B 327 10.59 10.33 7.75
CA THR B 327 11.50 10.31 8.90
C THR B 327 12.90 10.01 8.39
N ASP B 328 13.90 10.16 9.26
CA ASP B 328 15.25 9.72 8.88
C ASP B 328 15.38 8.21 8.75
N HIS B 329 14.44 7.49 9.36
CA HIS B 329 14.39 6.04 9.26
C HIS B 329 13.97 5.54 7.88
N ASP B 330 13.36 6.42 7.11
CA ASP B 330 13.00 6.09 5.73
C ASP B 330 14.18 6.19 4.77
N ILE B 331 15.31 6.73 5.22
CA ILE B 331 16.49 6.78 4.35
C ILE B 331 17.37 5.62 4.80
N PRO B 332 17.62 4.63 3.93
CA PRO B 332 18.49 3.50 4.27
C PRO B 332 19.87 3.94 4.71
N GLN B 333 20.44 3.15 5.62
CA GLN B 333 21.78 3.43 6.14
C GLN B 333 22.81 3.54 5.05
N GLN B 334 22.76 2.59 4.12
CA GLN B 334 23.61 2.59 2.93
C GLN B 334 23.64 3.93 2.20
N LEU B 335 22.44 4.43 1.90
CA LEU B 335 22.30 5.68 1.18
C LEU B 335 22.84 6.85 1.98
N VAL B 336 22.50 6.91 3.26
CA VAL B 336 23.03 7.94 4.14
C VAL B 336 24.55 7.96 4.15
N GLU B 337 25.17 6.80 4.38
CA GLU B 337 26.62 6.74 4.45
C GLU B 337 27.28 7.08 3.12
N ARG B 338 26.66 6.64 2.02
CA ARG B 338 27.14 6.92 0.68
C ARG B 338 27.12 8.41 0.34
N LEU B 339 26.05 9.08 0.73
CA LEU B 339 25.96 10.52 0.59
C LEU B 339 26.82 11.28 1.61
N GLN B 340 27.08 10.69 2.78
CA GLN B 340 28.02 11.29 3.74
C GLN B 340 29.45 11.32 3.17
N GLU B 341 29.88 10.21 2.57
CA GLU B 341 31.22 10.22 1.98
C GLU B 341 31.30 11.06 0.71
N GLU B 342 30.18 11.35 0.05
CA GLU B 342 30.19 12.42 -0.96
C GLU B 342 30.36 13.83 -0.40
N LYS B 343 30.21 14.01 0.91
CA LYS B 343 30.60 15.27 1.56
C LYS B 343 32.02 15.22 2.14
N ARG B 344 32.73 14.14 1.88
CA ARG B 344 34.17 14.09 2.17
C ARG B 344 34.97 14.61 0.96
#